data_5DXF
#
_entry.id   5DXF
#
_cell.length_a   98.311
_cell.length_b   98.311
_cell.length_c   452.832
_cell.angle_alpha   90.000
_cell.angle_beta   90.000
_cell.angle_gamma   120.000
#
_symmetry.space_group_name_H-M   'P 61 2 2'
#
loop_
_entity.id
_entity.type
_entity.pdbx_description
1 polymer 'trehalose-6-phosphate phosphatase'
2 water water
#
_entity_poly.entity_id   1
_entity_poly.type   'polypeptide(L)'
_entity_poly.pdbx_seq_one_letter_code
;MAPQQVNAFSANGSIPSPKEFEGKGKLKLSGRILNVMTSLPLQIISDYDNKTGQYYWDVETVRGNSALYSSQHFLAENKE
WETHLIAWTGELINKKKDTSSLTADTLQDDPLYLDEEDKSKIEKKLCDASGTPNIHPVWLLRRDQGRWRKYAENVLWPVF
HYIQGQPSDGKAETDAWHDYVKFNEAYLNKIKSVYKPGDIIWIHDYYLLLLPQLLRMEFPNAYIGFFLHVPFPSSEYFRC
LSKRSQLLDGMLGADKIGFQSDSFQRHFISCCARVLGCEVNRDSVSAYGTTISVETLPIGIDTEKIEHDAFSSELGVEEK
VQALKQVYKGKKLIVGRDRLDKVRGVIQKLEGFEIFLDMYPEWRETVVLIQVSSPGYSHSANVETRVTEIISRINSKYGN
LNHTPVLHYQMRVAKEEYLALLRVADLALITSVRDGMNTTSLEFVICQKYNNSPLILSEFTGTATVLKDAIMVNPWDSVG
VAKTINDALMLSTKEKVSLESKLYEKVLSNTVQNWTSTFICDILSHSIVTHSNS
;
_entity_poly.pdbx_strand_id   A,B
#
# COMPACT_ATOMS: atom_id res chain seq x y z
N ALA A 2 -7.45 3.34 47.24
CA ALA A 2 -6.86 2.29 48.06
C ALA A 2 -5.37 2.54 48.30
N PRO A 3 -4.95 3.78 48.09
CA PRO A 3 -3.58 4.18 48.39
C PRO A 3 -3.44 4.44 49.88
N GLN A 4 -2.38 3.93 50.48
CA GLN A 4 -2.19 4.05 51.91
C GLN A 4 -1.99 5.50 52.34
N GLN A 5 -2.47 5.81 53.54
CA GLN A 5 -2.42 7.16 54.11
C GLN A 5 -1.58 7.24 55.38
N VAL A 6 -0.74 8.25 55.46
CA VAL A 6 0.20 8.43 56.56
C VAL A 6 -0.55 8.54 57.89
N ILE A 33 2.99 13.87 46.19
CA ILE A 33 3.59 12.98 45.20
C ILE A 33 3.91 13.77 43.94
N LEU A 34 5.09 13.54 43.40
CA LEU A 34 5.45 14.15 42.12
C LEU A 34 5.66 13.07 41.08
N ASN A 35 4.93 13.18 39.97
CA ASN A 35 5.04 12.22 38.90
C ASN A 35 5.76 12.91 37.80
N VAL A 36 6.82 12.29 37.30
CA VAL A 36 7.66 12.92 36.31
C VAL A 36 7.65 12.12 35.02
N MET A 37 7.45 12.81 33.91
CA MET A 37 7.18 12.15 32.64
C MET A 37 7.95 12.75 31.48
N THR A 38 8.04 11.99 30.39
CA THR A 38 8.65 12.50 29.17
C THR A 38 7.86 13.66 28.62
N SER A 39 6.55 13.53 28.56
CA SER A 39 5.76 14.59 27.97
C SER A 39 4.44 14.73 28.69
N LEU A 40 3.88 15.93 28.60
CA LEU A 40 2.58 16.22 29.19
C LEU A 40 1.48 15.47 28.46
N PRO A 41 0.38 15.10 29.25
CA PRO A 41 -0.65 14.32 28.54
C PRO A 41 -1.31 15.08 27.39
N LEU A 42 -1.14 16.39 27.34
CA LEU A 42 -1.79 17.18 26.32
C LEU A 42 -0.86 18.00 25.45
N GLN A 43 -1.06 17.94 24.14
CA GLN A 43 -0.31 18.78 23.22
C GLN A 43 -0.91 20.16 23.05
N ILE A 44 0.00 21.03 22.61
CA ILE A 44 -0.23 22.44 22.29
C ILE A 44 -0.63 22.68 20.85
N ILE A 45 -1.84 22.28 20.52
CA ILE A 45 -2.63 22.86 19.44
C ILE A 45 -1.76 23.38 18.30
N VAL A 59 -5.74 18.66 21.30
CA VAL A 59 -5.10 18.96 22.57
C VAL A 59 -4.72 17.69 23.31
N GLU A 60 -5.68 16.79 23.46
CA GLU A 60 -5.44 15.56 24.19
C GLU A 60 -4.37 14.82 23.45
N THR A 61 -3.43 14.25 24.19
CA THR A 61 -2.38 13.51 23.54
C THR A 61 -2.72 12.05 23.58
N VAL A 62 -2.93 11.45 22.42
CA VAL A 62 -3.20 10.02 22.36
C VAL A 62 -1.91 9.24 22.62
N ARG A 63 -0.83 9.99 22.58
CA ARG A 63 0.50 9.48 22.46
C ARG A 63 0.62 8.50 23.60
N GLY A 64 -0.31 7.56 23.58
CA GLY A 64 -0.12 6.18 23.92
C GLY A 64 0.48 5.87 25.27
N ASN A 65 0.17 6.67 26.26
CA ASN A 65 0.70 6.42 27.59
C ASN A 65 -0.44 6.15 28.55
N SER A 66 -1.47 5.51 28.01
CA SER A 66 -2.76 5.42 28.65
C SER A 66 -2.78 4.71 30.00
N ALA A 67 -2.05 3.62 30.13
CA ALA A 67 -1.96 2.96 31.41
C ALA A 67 -1.27 3.92 32.36
N LEU A 68 -0.22 4.55 31.87
CA LEU A 68 0.52 5.57 32.60
C LEU A 68 -0.35 6.79 32.92
N TYR A 69 -1.05 7.28 31.92
CA TYR A 69 -1.90 8.43 32.09
C TYR A 69 -3.00 8.12 33.09
N SER A 70 -3.52 6.92 33.03
CA SER A 70 -4.53 6.50 33.96
C SER A 70 -3.97 6.57 35.37
N SER A 71 -2.73 6.15 35.54
CA SER A 71 -2.13 6.23 36.86
C SER A 71 -2.01 7.69 37.29
N GLN A 72 -1.62 8.55 36.37
CA GLN A 72 -1.48 9.94 36.71
C GLN A 72 -2.83 10.46 37.17
N HIS A 73 -3.88 10.10 36.45
CA HIS A 73 -5.20 10.60 36.80
C HIS A 73 -5.61 10.13 38.17
N PHE A 74 -5.30 8.88 38.46
CA PHE A 74 -5.67 8.30 39.73
C PHE A 74 -4.99 9.13 40.80
N LEU A 75 -3.78 9.55 40.51
CA LEU A 75 -3.01 10.38 41.42
C LEU A 75 -3.62 11.78 41.58
N ALA A 76 -4.12 12.32 40.48
CA ALA A 76 -4.66 13.67 40.45
C ALA A 76 -5.93 13.82 41.29
N GLU A 77 -6.74 12.79 41.30
CA GLU A 77 -8.01 12.79 41.99
C GLU A 77 -7.94 12.24 43.42
N ASN A 78 -6.73 11.90 43.87
CA ASN A 78 -6.53 11.51 45.26
C ASN A 78 -6.76 12.69 46.20
N LYS A 79 -7.36 12.44 47.35
CA LYS A 79 -7.55 13.49 48.33
C LYS A 79 -6.56 13.48 49.50
N GLU A 80 -6.06 12.31 49.86
CA GLU A 80 -5.10 12.18 50.95
C GLU A 80 -3.76 12.86 50.64
N TRP A 81 -3.32 12.76 49.39
CA TRP A 81 -2.21 13.55 48.88
C TRP A 81 -2.57 14.03 47.48
N GLU A 82 -2.14 15.23 47.14
CA GLU A 82 -2.41 15.79 45.82
C GLU A 82 -1.14 15.77 44.99
N THR A 83 -1.25 15.19 43.79
CA THR A 83 -0.10 15.04 42.91
C THR A 83 0.24 16.29 42.12
N HIS A 84 1.53 16.44 41.84
CA HIS A 84 2.03 17.52 41.01
C HIS A 84 2.70 16.84 39.85
N LEU A 85 2.54 17.39 38.65
CA LEU A 85 3.05 16.73 37.45
C LEU A 85 4.17 17.51 36.81
N ILE A 86 5.30 16.84 36.58
CA ILE A 86 6.47 17.43 35.98
C ILE A 86 6.76 16.81 34.63
N ALA A 87 6.72 17.62 33.57
CA ALA A 87 6.93 17.12 32.22
C ALA A 87 7.24 18.23 31.21
N TRP A 88 7.60 17.82 30.00
CA TRP A 88 7.89 18.75 28.91
C TRP A 88 6.90 18.48 27.81
N THR A 89 6.75 19.44 26.91
CA THR A 89 5.98 19.25 25.69
C THR A 89 6.65 19.88 24.47
N GLY A 90 6.89 19.11 23.42
CA GLY A 90 7.49 19.65 22.21
C GLY A 90 6.47 19.70 21.11
N GLU A 91 6.08 20.92 20.73
CA GLU A 91 4.82 21.13 20.07
C GLU A 91 4.84 21.92 18.76
N LEU A 92 3.82 21.69 17.96
CA LEU A 92 3.57 22.41 16.74
C LEU A 92 2.07 22.51 16.64
N GLU A 117 6.40 37.66 25.52
CA GLU A 117 5.46 36.63 25.13
C GLU A 117 5.61 35.45 26.07
N ASP A 118 6.63 35.54 26.92
CA ASP A 118 6.91 34.49 27.89
C ASP A 118 5.79 34.29 28.89
N LYS A 119 4.89 35.26 28.96
CA LYS A 119 3.64 35.10 29.71
C LYS A 119 2.59 34.57 28.73
N SER A 120 2.92 34.56 27.44
CA SER A 120 2.06 33.89 26.47
C SER A 120 2.32 32.39 26.58
N LYS A 121 3.38 32.03 27.28
CA LYS A 121 3.57 30.64 27.71
C LYS A 121 2.48 30.34 28.72
N ILE A 122 2.03 31.41 29.38
CA ILE A 122 0.97 31.35 30.37
C ILE A 122 -0.38 31.57 29.65
N GLU A 123 -0.30 31.75 28.33
CA GLU A 123 -1.49 31.64 27.50
C GLU A 123 -1.76 30.18 27.25
N LYS A 124 -0.69 29.44 26.96
CA LYS A 124 -0.80 28.01 26.78
C LYS A 124 -1.03 27.34 28.13
N LYS A 125 -0.48 27.90 29.19
CA LYS A 125 -0.86 27.44 30.52
C LYS A 125 -2.34 27.77 30.80
N LEU A 126 -2.74 28.96 30.38
CA LEU A 126 -4.07 29.50 30.68
C LEU A 126 -5.19 28.48 30.44
N CYS A 127 -5.02 27.65 29.43
CA CYS A 127 -5.96 26.57 29.16
C CYS A 127 -5.24 25.25 28.84
N ASP A 128 -4.01 25.13 29.34
CA ASP A 128 -3.49 23.83 29.72
C ASP A 128 -3.77 23.76 31.21
N ALA A 129 -4.67 24.63 31.65
CA ALA A 129 -5.05 24.74 33.06
C ALA A 129 -6.37 24.05 33.33
N SER A 130 -6.42 22.77 32.98
CA SER A 130 -7.43 21.87 33.50
C SER A 130 -6.87 21.29 34.79
N GLY A 131 -6.11 20.22 34.63
CA GLY A 131 -5.31 19.62 35.69
C GLY A 131 -5.88 19.47 37.09
N THR A 132 -4.96 19.30 38.02
CA THR A 132 -5.23 19.41 39.45
C THR A 132 -5.61 20.85 39.89
N PRO A 133 -4.98 21.90 39.30
CA PRO A 133 -3.92 22.00 38.30
C PRO A 133 -2.54 22.26 38.91
N ASN A 134 -1.96 23.39 38.55
CA ASN A 134 -0.58 23.73 38.89
C ASN A 134 0.33 22.62 38.36
N ILE A 135 0.02 22.12 37.18
CA ILE A 135 0.85 21.12 36.55
C ILE A 135 2.14 21.78 36.15
N HIS A 136 3.26 21.09 36.31
CA HIS A 136 4.54 21.74 36.17
C HIS A 136 5.29 21.34 34.89
N PRO A 137 5.33 22.34 33.91
CA PRO A 137 5.93 21.92 32.64
C PRO A 137 7.37 22.40 32.43
N VAL A 138 7.98 21.98 31.33
CA VAL A 138 9.34 22.40 31.00
C VAL A 138 9.35 22.84 29.55
N TRP A 139 10.14 23.86 29.25
CA TRP A 139 10.18 24.41 27.90
C TRP A 139 11.56 24.41 27.30
N LEU A 140 11.65 23.91 26.08
CA LEU A 140 12.87 23.99 25.29
C LEU A 140 12.51 24.73 24.02
N LEU A 141 13.20 25.84 23.79
CA LEU A 141 12.88 26.72 22.68
C LEU A 141 13.11 26.22 21.27
N ARG A 142 14.23 25.54 21.07
CA ARG A 142 14.91 25.52 19.78
C ARG A 142 14.26 24.87 18.58
N ARG A 143 14.65 25.40 17.43
CA ARG A 143 14.28 24.91 16.12
C ARG A 143 14.87 23.52 15.97
N ASP A 144 14.22 22.67 15.18
CA ASP A 144 14.58 21.25 15.16
C ASP A 144 14.40 20.67 16.56
N GLN A 145 13.22 20.86 17.13
CA GLN A 145 12.98 20.46 18.50
C GLN A 145 13.19 18.97 18.59
N GLY A 146 12.81 18.25 17.54
CA GLY A 146 12.94 16.81 17.52
C GLY A 146 14.23 16.29 18.15
N ARG A 147 15.14 17.23 18.35
CA ARG A 147 16.45 16.93 18.90
C ARG A 147 16.23 16.34 20.28
N TRP A 148 15.30 16.90 21.01
CA TRP A 148 15.07 16.42 22.34
C TRP A 148 14.75 14.94 22.27
N ARG A 149 14.02 14.55 21.24
CA ARG A 149 13.63 13.16 21.11
C ARG A 149 14.71 12.30 20.48
N LYS A 150 15.79 12.90 20.01
CA LYS A 150 16.74 12.20 19.15
C LYS A 150 17.65 11.21 19.87
N TYR A 151 18.28 11.60 20.97
CA TYR A 151 19.08 10.61 21.68
C TYR A 151 18.23 9.49 22.26
N ALA A 152 17.09 9.86 22.81
CA ALA A 152 16.18 8.90 23.39
C ALA A 152 15.64 7.94 22.36
N GLU A 153 15.27 8.45 21.20
CA GLU A 153 14.68 7.62 20.17
C GLU A 153 15.63 6.94 19.20
N ASN A 154 16.76 7.57 18.90
CA ASN A 154 17.70 7.03 17.92
C ASN A 154 18.76 6.14 18.55
N VAL A 155 19.04 6.34 19.84
CA VAL A 155 20.12 5.60 20.49
C VAL A 155 19.60 4.63 21.55
N LEU A 156 18.87 5.16 22.52
CA LEU A 156 18.42 4.36 23.66
C LEU A 156 17.31 3.36 23.31
N TRP A 157 16.25 3.83 22.65
CA TRP A 157 15.14 2.97 22.23
C TRP A 157 15.58 1.75 21.41
N PRO A 158 16.42 1.94 20.36
CA PRO A 158 16.83 0.75 19.60
C PRO A 158 17.62 -0.24 20.43
N VAL A 159 18.54 0.24 21.25
CA VAL A 159 19.36 -0.63 22.10
C VAL A 159 18.51 -1.41 23.10
N PHE A 160 17.62 -0.72 23.79
CA PHE A 160 16.76 -1.34 24.80
C PHE A 160 15.87 -2.38 24.16
N HIS A 161 15.56 -2.16 22.90
CA HIS A 161 14.74 -3.08 22.15
C HIS A 161 15.52 -4.08 21.32
N TYR A 162 16.81 -4.17 21.54
CA TYR A 162 17.67 -5.07 20.80
C TYR A 162 17.69 -4.82 19.30
N ILE A 163 17.82 -3.56 18.92
CA ILE A 163 17.90 -3.19 17.52
C ILE A 163 19.23 -2.53 17.20
N SER A 168 20.61 4.04 10.68
CA SER A 168 20.85 5.25 11.45
C SER A 168 22.34 5.38 11.74
N ASP A 169 22.96 6.36 11.10
CA ASP A 169 24.43 6.47 11.11
C ASP A 169 25.00 7.76 11.71
N GLY A 170 24.14 8.61 12.25
CA GLY A 170 24.55 9.93 12.69
C GLY A 170 25.90 10.05 13.36
N LYS A 171 26.60 11.14 13.10
CA LYS A 171 27.83 11.46 13.82
C LYS A 171 27.55 12.68 14.69
N ALA A 172 26.28 13.06 14.69
CA ALA A 172 25.79 14.14 15.55
C ALA A 172 25.34 13.59 16.90
N GLU A 173 25.75 12.36 17.18
CA GLU A 173 25.29 11.68 18.37
C GLU A 173 25.68 12.52 19.55
N THR A 174 26.87 13.09 19.50
CA THR A 174 27.34 13.86 20.63
C THR A 174 26.42 15.05 20.87
N ASP A 175 25.97 15.69 19.80
CA ASP A 175 25.05 16.80 19.96
C ASP A 175 23.76 16.32 20.61
N ALA A 176 23.32 15.16 20.17
CA ALA A 176 22.09 14.58 20.69
C ALA A 176 22.22 14.30 22.18
N TRP A 177 23.43 13.91 22.57
CA TRP A 177 23.76 13.65 23.97
C TRP A 177 23.73 14.94 24.78
N HIS A 178 24.34 15.98 24.22
CA HIS A 178 24.23 17.33 24.75
C HIS A 178 22.76 17.67 25.04
N ASP A 179 21.90 17.49 24.04
CA ASP A 179 20.50 17.82 24.21
C ASP A 179 19.88 16.98 25.32
N TYR A 180 20.22 15.69 25.34
CA TYR A 180 19.70 14.78 26.36
C TYR A 180 19.99 15.31 27.77
N VAL A 181 21.27 15.64 27.99
CA VAL A 181 21.69 16.18 29.27
C VAL A 181 20.95 17.48 29.59
N LYS A 182 20.76 18.33 28.58
CA LYS A 182 20.00 19.58 28.77
C LYS A 182 18.57 19.29 29.23
N PHE A 183 17.91 18.38 28.53
CA PHE A 183 16.56 17.91 28.88
C PHE A 183 16.47 17.53 30.35
N ASN A 184 17.32 16.59 30.76
CA ASN A 184 17.38 16.17 32.16
C ASN A 184 17.66 17.33 33.13
N GLU A 185 18.57 18.23 32.72
CA GLU A 185 18.93 19.40 33.53
C GLU A 185 17.75 20.31 33.79
N ALA A 186 16.94 20.51 32.75
CA ALA A 186 15.75 21.33 32.86
C ALA A 186 14.74 20.64 33.78
N TYR A 187 14.60 19.32 33.65
CA TYR A 187 13.70 18.60 34.55
C TYR A 187 14.12 18.82 36.01
N LEU A 188 15.38 18.51 36.34
CA LEU A 188 15.92 18.77 37.69
C LEU A 188 15.65 20.20 38.16
N ASN A 189 16.00 21.16 37.30
CA ASN A 189 15.76 22.59 37.54
C ASN A 189 14.35 22.90 38.01
N LYS A 190 13.37 22.49 37.23
CA LYS A 190 11.97 22.68 37.61
C LYS A 190 11.59 21.97 38.92
N ILE A 191 12.06 20.75 39.06
CA ILE A 191 11.71 19.91 40.20
C ILE A 191 12.18 20.57 41.48
N LYS A 192 13.40 21.09 41.44
CA LYS A 192 13.99 21.75 42.61
C LYS A 192 13.29 23.09 42.81
N SER A 193 12.88 23.70 41.70
CA SER A 193 12.14 24.95 41.77
C SER A 193 10.89 24.80 42.63
N VAL A 194 10.12 23.71 42.45
CA VAL A 194 8.88 23.61 43.24
C VAL A 194 8.87 22.53 44.34
N TYR A 195 9.99 21.87 44.59
CA TYR A 195 10.05 20.78 45.58
C TYR A 195 9.91 21.31 47.02
N LYS A 196 9.30 20.49 47.87
CA LYS A 196 9.11 20.76 49.29
C LYS A 196 9.66 19.57 50.09
N PRO A 197 10.71 19.79 50.91
CA PRO A 197 11.36 18.73 51.68
C PRO A 197 10.39 17.73 52.22
N GLY A 198 10.65 16.47 51.90
CA GLY A 198 9.78 15.37 52.27
C GLY A 198 8.84 14.86 51.20
N ASP A 199 8.88 15.41 49.99
CA ASP A 199 8.11 14.87 48.87
C ASP A 199 8.54 13.43 48.55
N ILE A 200 7.70 12.75 47.80
CA ILE A 200 8.03 11.45 47.25
C ILE A 200 8.10 11.65 45.73
N ILE A 201 9.17 11.18 45.11
CA ILE A 201 9.38 11.44 43.70
C ILE A 201 9.27 10.18 42.86
N TRP A 202 8.45 10.26 41.82
CA TRP A 202 8.28 9.17 40.88
C TRP A 202 8.68 9.64 39.50
N ILE A 203 9.59 8.92 38.86
CA ILE A 203 10.03 9.28 37.51
C ILE A 203 9.89 8.13 36.55
N HIS A 204 9.50 8.42 35.32
CA HIS A 204 9.28 7.35 34.36
C HIS A 204 10.12 7.41 33.10
N ASP A 205 10.73 6.28 32.77
CA ASP A 205 11.22 5.96 31.44
C ASP A 205 12.57 6.51 31.01
N TYR A 206 12.93 6.19 29.78
CA TYR A 206 14.27 6.41 29.24
C TYR A 206 14.70 7.85 29.04
N TYR A 207 13.76 8.76 28.92
CA TYR A 207 14.11 10.18 28.73
C TYR A 207 14.73 10.76 29.99
N LEU A 208 14.48 10.10 31.11
CA LEU A 208 14.86 10.64 32.41
C LEU A 208 15.78 9.71 33.21
N LEU A 209 16.58 8.94 32.50
CA LEU A 209 17.52 7.99 33.09
C LEU A 209 18.59 8.67 33.93
N LEU A 210 19.02 9.83 33.48
CA LEU A 210 20.02 10.62 34.17
C LEU A 210 19.56 11.08 35.55
N LEU A 211 18.28 11.42 35.64
CA LEU A 211 17.75 12.25 36.70
C LEU A 211 17.88 11.78 38.14
N PRO A 212 17.59 10.52 38.43
CA PRO A 212 17.68 10.07 39.84
C PRO A 212 19.00 10.38 40.57
N GLN A 213 20.14 10.23 39.91
CA GLN A 213 21.40 10.64 40.49
C GLN A 213 21.46 12.15 40.72
N LEU A 214 20.96 12.94 39.78
CA LEU A 214 21.01 14.39 39.94
C LEU A 214 20.23 14.83 41.15
N LEU A 215 19.09 14.18 41.35
CA LEU A 215 18.27 14.47 42.52
C LEU A 215 18.95 13.95 43.79
N ARG A 216 19.57 12.78 43.73
CA ARG A 216 20.24 12.23 44.91
C ARG A 216 21.48 13.04 45.33
N MET A 217 22.21 13.52 44.33
CA MET A 217 23.31 14.44 44.57
C MET A 217 22.83 15.78 45.06
N GLU A 218 21.79 16.30 44.42
CA GLU A 218 21.20 17.56 44.86
C GLU A 218 20.59 17.38 46.23
N PHE A 219 19.91 16.26 46.41
CA PHE A 219 19.37 15.89 47.70
C PHE A 219 19.93 14.54 48.13
N PRO A 220 20.53 14.53 49.30
CA PRO A 220 21.10 13.32 49.92
C PRO A 220 20.05 12.27 50.34
N ASN A 221 19.00 12.66 51.06
CA ASN A 221 17.99 11.70 51.51
C ASN A 221 16.55 12.06 51.13
N ALA A 222 16.24 12.02 49.84
CA ALA A 222 14.85 12.09 49.39
C ALA A 222 14.41 10.71 48.95
N TYR A 223 13.13 10.40 49.12
CA TYR A 223 12.59 9.12 48.66
C TYR A 223 12.31 9.20 47.18
N ILE A 224 13.06 8.44 46.38
CA ILE A 224 12.94 8.51 44.93
C ILE A 224 12.73 7.13 44.34
N GLY A 225 11.73 7.01 43.49
CA GLY A 225 11.44 5.77 42.80
C GLY A 225 11.50 5.92 41.29
N PHE A 226 12.11 4.97 40.61
CA PHE A 226 12.12 5.00 39.17
C PHE A 226 11.47 3.78 38.56
N PHE A 227 10.58 4.01 37.60
CA PHE A 227 9.97 2.93 36.87
C PHE A 227 10.27 2.98 35.39
N LEU A 228 10.66 1.85 34.83
CA LEU A 228 10.95 1.75 33.41
C LEU A 228 9.80 1.04 32.70
N HIS A 229 9.13 1.76 31.80
CA HIS A 229 7.99 1.18 31.08
C HIS A 229 8.47 0.33 29.91
N VAL A 230 9.60 0.74 29.33
CA VAL A 230 10.21 0.01 28.23
C VAL A 230 11.08 -1.13 28.75
N PRO A 231 11.50 -2.03 27.87
CA PRO A 231 12.37 -3.14 28.27
C PRO A 231 13.77 -2.69 28.64
N PHE A 232 14.47 -3.48 29.42
CA PHE A 232 15.88 -3.22 29.69
C PHE A 232 16.74 -4.25 29.01
N PRO A 233 17.81 -3.71 28.27
CA PRO A 233 18.57 -4.73 27.52
C PRO A 233 19.63 -5.47 28.33
N SER A 234 20.06 -6.62 27.82
CA SER A 234 21.11 -7.44 28.40
C SER A 234 22.40 -6.68 28.34
N SER A 235 23.34 -7.04 29.18
CA SER A 235 24.60 -6.31 29.28
C SER A 235 25.28 -6.24 27.92
N GLU A 236 25.12 -7.27 27.11
CA GLU A 236 25.74 -7.30 25.82
C GLU A 236 25.31 -6.17 24.92
N TYR A 237 24.03 -5.84 24.94
CA TYR A 237 23.50 -4.73 24.16
C TYR A 237 23.76 -3.39 24.83
N PHE A 238 23.71 -3.37 26.16
CA PHE A 238 23.85 -2.12 26.91
C PHE A 238 25.28 -1.56 26.84
N ARG A 239 26.25 -2.44 26.68
CA ARG A 239 27.65 -2.06 26.64
C ARG A 239 27.96 -1.16 25.45
N CYS A 240 27.15 -1.26 24.42
CA CYS A 240 27.34 -0.52 23.19
C CYS A 240 27.30 0.97 23.44
N LEU A 241 26.53 1.37 24.43
CA LEU A 241 26.37 2.77 24.69
C LEU A 241 27.66 3.40 25.19
N SER A 242 28.00 4.52 24.59
CA SER A 242 29.16 5.28 24.96
C SER A 242 29.04 5.86 26.36
N LYS A 243 27.84 6.25 26.72
CA LYS A 243 27.57 6.86 28.01
C LYS A 243 27.07 5.86 29.04
N ARG A 244 27.15 4.59 28.70
CA ARG A 244 26.58 3.50 29.52
C ARG A 244 26.74 3.69 31.03
N SER A 245 27.93 4.05 31.47
CA SER A 245 28.15 4.27 32.89
C SER A 245 27.33 5.42 33.42
N GLN A 246 27.28 6.53 32.68
CA GLN A 246 26.45 7.64 33.16
C GLN A 246 24.97 7.29 33.23
N LEU A 247 24.46 6.52 32.26
CA LEU A 247 23.07 6.12 32.31
C LEU A 247 22.76 5.19 33.48
N LEU A 248 23.60 4.18 33.65
CA LEU A 248 23.51 3.28 34.79
C LEU A 248 23.63 4.01 36.14
N ASP A 249 24.69 4.82 36.25
CA ASP A 249 24.88 5.76 37.35
C ASP A 249 23.56 6.44 37.61
N GLY A 250 23.19 7.31 36.68
CA GLY A 250 21.92 8.03 36.68
C GLY A 250 20.76 7.27 37.30
N MET A 251 20.55 6.04 36.82
CA MET A 251 19.47 5.22 37.32
C MET A 251 19.66 4.81 38.77
N LEU A 252 20.91 4.64 39.19
CA LEU A 252 21.18 4.15 40.55
C LEU A 252 20.86 5.10 41.69
N GLY A 253 20.26 6.25 41.40
CA GLY A 253 19.92 7.21 42.44
C GLY A 253 18.61 6.92 43.14
N ALA A 254 17.66 6.34 42.42
CA ALA A 254 16.39 5.94 43.05
C ALA A 254 16.61 4.90 44.12
N ASP A 255 15.89 5.02 45.22
CA ASP A 255 15.88 4.00 46.25
C ASP A 255 15.25 2.71 45.71
N LYS A 256 14.20 2.88 44.92
CA LYS A 256 13.45 1.78 44.33
C LYS A 256 13.36 1.92 42.82
N ILE A 257 13.62 0.84 42.10
CA ILE A 257 13.51 0.82 40.65
C ILE A 257 12.57 -0.30 40.22
N GLY A 258 11.67 0.00 39.27
CA GLY A 258 10.67 -0.96 38.86
C GLY A 258 10.73 -1.37 37.40
N PHE A 259 10.41 -2.64 37.13
CA PHE A 259 10.37 -3.15 35.76
C PHE A 259 9.08 -3.91 35.46
N GLN A 260 8.76 -4.04 34.17
CA GLN A 260 7.57 -4.75 33.75
C GLN A 260 7.73 -6.26 33.92
N SER A 261 8.93 -6.75 33.69
CA SER A 261 9.18 -8.18 33.69
C SER A 261 10.48 -8.61 34.37
N ASP A 262 10.55 -9.87 34.75
CA ASP A 262 11.67 -10.45 35.48
C ASP A 262 12.98 -10.29 34.73
N SER A 263 12.93 -10.55 33.42
CA SER A 263 14.12 -10.51 32.57
C SER A 263 14.78 -9.13 32.58
N PHE A 264 13.97 -8.08 32.60
CA PHE A 264 14.49 -6.72 32.56
C PHE A 264 15.21 -6.40 33.87
N GLN A 265 14.65 -6.89 34.97
CA GLN A 265 15.25 -6.77 36.29
C GLN A 265 16.62 -7.46 36.32
N ARG A 266 16.64 -8.71 35.86
CA ARG A 266 17.88 -9.49 35.82
C ARG A 266 18.94 -8.79 34.95
N HIS A 267 18.52 -8.27 33.80
CA HIS A 267 19.42 -7.59 32.89
C HIS A 267 19.99 -6.31 33.47
N PHE A 268 19.14 -5.55 34.17
CA PHE A 268 19.60 -4.32 34.81
C PHE A 268 20.61 -4.63 35.90
N ILE A 269 20.32 -5.63 36.71
CA ILE A 269 21.23 -6.06 37.76
C ILE A 269 22.58 -6.47 37.19
N SER A 270 22.55 -7.26 36.13
CA SER A 270 23.75 -7.73 35.46
C SER A 270 24.54 -6.57 34.90
N CYS A 271 23.85 -5.62 34.31
CA CYS A 271 24.47 -4.38 33.83
C CYS A 271 25.18 -3.62 34.95
N CYS A 272 24.49 -3.46 36.08
CA CYS A 272 25.05 -2.75 37.21
C CYS A 272 26.31 -3.44 37.75
N ALA A 273 26.32 -4.76 37.73
CA ALA A 273 27.51 -5.48 38.21
C ALA A 273 28.67 -5.47 37.20
N ARG A 274 28.36 -5.45 35.90
CA ARG A 274 29.40 -5.58 34.89
C ARG A 274 29.98 -4.25 34.42
N VAL A 275 29.11 -3.30 34.07
CA VAL A 275 29.55 -1.99 33.62
C VAL A 275 30.10 -1.16 34.78
N LEU A 276 29.40 -1.20 35.90
CA LEU A 276 29.87 -0.53 37.12
C LEU A 276 30.36 -1.56 38.14
N GLY A 277 31.17 -1.11 39.09
CA GLY A 277 31.76 -1.99 40.09
C GLY A 277 30.76 -2.46 41.14
N CYS A 278 29.57 -1.86 41.12
CA CYS A 278 28.54 -2.07 42.14
C CYS A 278 28.25 -3.55 42.41
N GLU A 279 28.09 -3.89 43.68
CA GLU A 279 27.86 -5.26 44.10
C GLU A 279 26.38 -5.58 44.21
N VAL A 280 25.98 -6.72 43.64
CA VAL A 280 24.56 -7.02 43.41
C VAL A 280 24.11 -8.39 43.94
N ASN A 281 22.81 -8.50 44.21
CA ASN A 281 22.14 -9.79 44.36
C ASN A 281 20.79 -9.73 43.66
N ARG A 282 19.98 -10.79 43.77
CA ARG A 282 18.77 -10.93 42.95
C ARG A 282 17.73 -9.81 43.06
N ASP A 283 17.67 -9.11 44.20
CA ASP A 283 16.70 -8.02 44.37
C ASP A 283 17.36 -6.69 44.69
N SER A 284 18.65 -6.74 44.99
CA SER A 284 19.36 -5.53 45.41
C SER A 284 20.62 -5.23 44.62
N VAL A 285 20.76 -3.97 44.25
CA VAL A 285 22.01 -3.47 43.69
C VAL A 285 22.59 -2.53 44.72
N SER A 286 23.80 -2.80 45.19
CA SER A 286 24.34 -1.96 46.25
C SER A 286 25.57 -1.17 45.80
N ALA A 287 25.49 0.14 45.97
CA ALA A 287 26.58 1.04 45.65
C ALA A 287 26.46 2.32 46.47
N TYR A 288 27.56 3.05 46.57
CA TYR A 288 27.64 4.32 47.32
C TYR A 288 27.65 4.08 48.83
N GLY A 289 27.79 2.82 49.23
CA GLY A 289 27.59 2.45 50.62
C GLY A 289 26.12 2.55 50.93
N THR A 290 25.32 2.42 49.87
CA THR A 290 23.88 2.54 49.92
C THR A 290 23.27 1.34 49.22
N THR A 291 22.03 1.02 49.56
CA THR A 291 21.39 -0.12 48.95
C THR A 291 20.18 0.31 48.10
N ILE A 292 20.11 -0.23 46.89
CA ILE A 292 19.03 0.08 45.96
C ILE A 292 18.18 -1.16 45.69
N SER A 293 16.87 -0.96 45.71
CA SER A 293 15.93 -2.05 45.55
C SER A 293 15.34 -2.09 44.14
N VAL A 294 15.41 -3.26 43.51
CA VAL A 294 14.85 -3.41 42.18
C VAL A 294 13.65 -4.35 42.23
N GLU A 295 12.71 -4.14 41.32
CA GLU A 295 11.40 -4.78 41.45
C GLU A 295 10.76 -5.13 40.10
N THR A 296 9.92 -6.16 40.12
CA THR A 296 9.09 -6.48 38.97
C THR A 296 7.64 -6.18 39.33
N LEU A 297 7.11 -5.11 38.76
CA LEU A 297 5.76 -4.66 39.02
C LEU A 297 5.02 -4.29 37.73
N PRO A 298 4.51 -5.37 37.00
CA PRO A 298 3.92 -4.96 35.72
C PRO A 298 2.73 -4.01 35.88
N ILE A 299 2.68 -2.98 35.05
CA ILE A 299 1.61 -2.01 35.10
C ILE A 299 0.27 -2.56 34.62
N GLY A 300 -0.80 -2.05 35.20
CA GLY A 300 -2.14 -2.46 34.83
C GLY A 300 -2.92 -1.31 34.23
N ILE A 301 -4.06 -1.63 33.66
CA ILE A 301 -5.00 -0.66 33.12
C ILE A 301 -6.01 -0.16 34.14
N ASP A 302 -6.71 0.92 33.81
CA ASP A 302 -7.80 1.39 34.63
C ASP A 302 -9.01 0.62 34.20
N THR A 303 -9.21 -0.51 34.85
CA THR A 303 -10.21 -1.46 34.45
C THR A 303 -11.64 -0.95 34.54
N GLU A 304 -11.94 -0.22 35.60
CA GLU A 304 -13.30 0.25 35.81
C GLU A 304 -13.74 1.23 34.72
N LYS A 305 -12.85 2.14 34.31
CA LYS A 305 -13.20 3.13 33.32
C LYS A 305 -13.32 2.51 31.93
N ILE A 306 -12.40 1.61 31.60
CA ILE A 306 -12.43 0.93 30.31
C ILE A 306 -13.67 0.05 30.18
N GLU A 307 -14.00 -0.67 31.24
CA GLU A 307 -15.21 -1.49 31.24
C GLU A 307 -16.45 -0.59 31.10
N HIS A 308 -16.47 0.51 31.83
CA HIS A 308 -17.61 1.39 31.77
C HIS A 308 -17.84 1.98 30.37
N ASP A 309 -16.78 2.48 29.77
CA ASP A 309 -16.83 3.06 28.43
C ASP A 309 -17.18 2.01 27.41
N ALA A 310 -16.64 0.82 27.58
CA ALA A 310 -16.91 -0.25 26.65
C ALA A 310 -18.38 -0.59 26.66
N PHE A 311 -18.99 -0.58 27.83
CA PHE A 311 -20.35 -1.11 27.93
C PHE A 311 -21.44 -0.09 28.31
N SER A 312 -21.08 1.17 28.46
CA SER A 312 -22.08 2.18 28.80
C SER A 312 -22.95 2.55 27.60
N SER A 313 -24.24 2.80 27.86
CA SER A 313 -25.18 3.17 26.82
C SER A 313 -24.98 4.62 26.39
N GLU A 314 -24.64 5.45 27.36
CA GLU A 314 -24.45 6.89 27.13
C GLU A 314 -23.41 7.19 26.07
N LEU A 315 -22.28 6.48 26.09
CA LEU A 315 -21.16 6.85 25.23
C LEU A 315 -21.41 6.47 23.78
N GLY A 316 -22.32 5.53 23.56
CA GLY A 316 -22.73 5.16 22.22
C GLY A 316 -21.87 4.11 21.56
N VAL A 317 -21.10 3.37 22.37
CA VAL A 317 -20.29 2.28 21.84
C VAL A 317 -21.19 1.18 21.28
N GLU A 318 -22.34 0.99 21.91
CA GLU A 318 -23.28 -0.06 21.51
C GLU A 318 -23.74 0.07 20.06
N GLU A 319 -24.07 1.28 19.64
CA GLU A 319 -24.54 1.49 18.27
C GLU A 319 -23.45 1.13 17.30
N LYS A 320 -22.23 1.54 17.61
CA LYS A 320 -21.10 1.24 16.76
C LYS A 320 -20.84 -0.25 16.68
N VAL A 321 -20.92 -0.93 17.81
CA VAL A 321 -20.72 -2.37 17.86
C VAL A 321 -21.74 -3.11 17.01
N GLN A 322 -23.00 -2.70 17.11
CA GLN A 322 -24.06 -3.36 16.34
C GLN A 322 -23.95 -3.01 14.86
N ALA A 323 -23.44 -1.81 14.58
CA ALA A 323 -23.26 -1.36 13.20
C ALA A 323 -22.13 -2.14 12.53
N LEU A 324 -21.04 -2.33 13.25
CA LEU A 324 -19.92 -3.13 12.79
C LEU A 324 -20.33 -4.59 12.63
N LYS A 325 -21.15 -5.06 13.57
CA LYS A 325 -21.77 -6.38 13.47
C LYS A 325 -22.59 -6.48 12.19
N GLN A 326 -23.19 -5.37 11.79
CA GLN A 326 -24.02 -5.33 10.59
C GLN A 326 -23.16 -5.36 9.32
N VAL A 327 -22.08 -4.60 9.33
CA VAL A 327 -21.16 -4.54 8.20
C VAL A 327 -20.50 -5.88 7.93
N TYR A 328 -19.98 -6.50 8.99
CA TYR A 328 -19.19 -7.72 8.86
C TYR A 328 -20.01 -8.96 9.20
N LYS A 329 -21.27 -8.96 8.77
CA LYS A 329 -22.15 -10.10 8.94
C LYS A 329 -21.62 -11.30 8.18
N GLY A 330 -21.60 -12.46 8.84
CA GLY A 330 -21.13 -13.69 8.22
C GLY A 330 -19.62 -13.78 8.10
N LYS A 331 -18.90 -12.87 8.77
CA LYS A 331 -17.45 -12.86 8.72
C LYS A 331 -16.81 -12.84 10.10
N LYS A 332 -15.60 -13.39 10.19
CA LYS A 332 -14.85 -13.41 11.45
C LYS A 332 -13.83 -12.28 11.48
N LEU A 333 -13.80 -11.55 12.60
CA LEU A 333 -12.99 -10.32 12.68
C LEU A 333 -11.78 -10.45 13.60
N ILE A 334 -10.60 -10.21 13.04
CA ILE A 334 -9.37 -10.11 13.83
C ILE A 334 -9.03 -8.63 13.96
N VAL A 335 -8.93 -8.15 15.20
CA VAL A 335 -8.71 -6.73 15.45
C VAL A 335 -7.49 -6.48 16.33
N GLY A 336 -6.61 -5.58 15.87
CA GLY A 336 -5.45 -5.20 16.63
C GLY A 336 -5.09 -3.74 16.44
N ARG A 337 -4.45 -3.14 17.45
CA ARG A 337 -3.93 -1.79 17.33
C ARG A 337 -2.48 -1.73 17.82
N ASP A 338 -1.58 -1.41 16.91
CA ASP A 338 -0.17 -1.34 17.24
C ASP A 338 0.50 -0.17 16.53
N ARG A 339 1.56 0.36 17.12
CA ARG A 339 2.39 1.34 16.43
C ARG A 339 3.15 0.65 15.32
N LEU A 340 3.40 1.34 14.22
CA LEU A 340 4.08 0.69 13.12
C LEU A 340 5.56 0.76 13.43
N ASP A 341 6.11 -0.37 13.83
CA ASP A 341 7.43 -0.44 14.40
C ASP A 341 8.02 -1.81 14.21
N LYS A 342 9.33 -1.92 14.40
CA LYS A 342 9.99 -3.20 14.41
C LYS A 342 9.56 -4.13 15.54
N VAL A 343 9.35 -3.55 16.71
CA VAL A 343 9.11 -4.30 17.95
C VAL A 343 7.66 -4.74 18.13
N ARG A 344 6.71 -3.98 17.59
CA ARG A 344 5.30 -4.28 17.80
C ARG A 344 4.83 -5.44 16.92
N GLY A 345 5.68 -5.84 15.98
CA GLY A 345 5.49 -7.08 15.25
C GLY A 345 4.28 -7.17 14.33
N VAL A 346 3.99 -6.09 13.61
CA VAL A 346 2.89 -6.10 12.65
C VAL A 346 3.22 -6.99 11.45
N ILE A 347 4.48 -6.93 11.04
CA ILE A 347 4.97 -7.74 9.92
C ILE A 347 4.77 -9.24 10.17
N GLN A 348 5.12 -9.68 11.37
CA GLN A 348 4.97 -11.09 11.73
C GLN A 348 3.49 -11.49 11.76
N LYS A 349 2.65 -10.56 12.21
CA LYS A 349 1.21 -10.78 12.23
C LYS A 349 0.67 -10.98 10.82
N LEU A 350 1.11 -10.12 9.90
CA LEU A 350 0.65 -10.18 8.51
C LEU A 350 1.18 -11.42 7.79
N GLU A 351 2.41 -11.81 8.09
CA GLU A 351 2.98 -13.01 7.50
C GLU A 351 2.24 -14.26 7.98
N GLY A 352 2.02 -14.33 9.30
CA GLY A 352 1.25 -15.42 9.88
C GLY A 352 -0.15 -15.47 9.32
N PHE A 353 -0.75 -14.31 9.09
CA PHE A 353 -2.10 -14.22 8.54
C PHE A 353 -2.14 -14.72 7.11
N GLU A 354 -1.14 -14.34 6.33
CA GLU A 354 -1.03 -14.81 4.96
C GLU A 354 -0.90 -16.32 4.91
N ILE A 355 0.03 -16.87 5.69
CA ILE A 355 0.20 -18.31 5.79
C ILE A 355 -1.13 -18.97 6.16
N PHE A 356 -1.85 -18.35 7.10
CA PHE A 356 -3.14 -18.85 7.55
C PHE A 356 -4.15 -18.92 6.41
N LEU A 357 -4.18 -17.88 5.58
CA LEU A 357 -5.06 -17.88 4.42
C LEU A 357 -4.64 -18.92 3.40
N ASP A 358 -3.33 -19.14 3.33
CA ASP A 358 -2.73 -20.13 2.46
C ASP A 358 -3.12 -21.55 2.79
N MET A 359 -3.12 -21.86 4.07
CA MET A 359 -3.32 -23.22 4.57
C MET A 359 -4.79 -23.62 4.64
N TYR A 360 -5.67 -22.67 4.93
CA TYR A 360 -7.08 -22.98 5.15
C TYR A 360 -8.00 -22.29 4.16
N PRO A 361 -8.42 -23.01 3.11
CA PRO A 361 -9.38 -22.52 2.11
C PRO A 361 -10.75 -22.26 2.74
N GLU A 362 -11.02 -22.91 3.86
CA GLU A 362 -12.28 -22.78 4.58
C GLU A 362 -12.49 -21.36 5.11
N TRP A 363 -11.39 -20.69 5.45
CA TRP A 363 -11.47 -19.38 6.08
C TRP A 363 -11.28 -18.24 5.08
N ARG A 364 -10.97 -18.57 3.83
CA ARG A 364 -10.95 -17.57 2.78
C ARG A 364 -12.37 -17.04 2.60
N GLU A 365 -12.47 -15.77 2.17
CA GLU A 365 -13.73 -15.05 2.01
C GLU A 365 -14.42 -14.69 3.34
N THR A 366 -14.01 -15.32 4.44
CA THR A 366 -14.74 -15.18 5.69
C THR A 366 -13.95 -14.52 6.82
N VAL A 367 -12.63 -14.37 6.65
CA VAL A 367 -11.83 -13.75 7.70
C VAL A 367 -11.30 -12.38 7.30
N VAL A 368 -11.59 -11.39 8.13
CA VAL A 368 -11.10 -10.03 7.88
C VAL A 368 -10.19 -9.57 9.01
N LEU A 369 -8.98 -9.16 8.65
CA LEU A 369 -8.01 -8.63 9.62
C LEU A 369 -8.08 -7.11 9.62
N ILE A 370 -8.44 -6.53 10.76
CA ILE A 370 -8.48 -5.08 10.90
C ILE A 370 -7.30 -4.59 11.74
N GLN A 371 -6.42 -3.82 11.12
CA GLN A 371 -5.27 -3.26 11.80
C GLN A 371 -5.31 -1.74 11.80
N VAL A 372 -5.35 -1.15 12.98
CA VAL A 372 -5.21 0.29 13.12
C VAL A 372 -3.82 0.60 13.68
N SER A 373 -3.07 1.42 12.96
CA SER A 373 -1.67 1.65 13.30
C SER A 373 -1.37 3.10 13.66
N SER A 374 -0.33 3.28 14.47
CA SER A 374 0.13 4.60 14.86
C SER A 374 1.50 4.86 14.24
N PRO A 375 1.78 6.12 13.89
CA PRO A 375 3.02 6.43 13.15
C PRO A 375 4.30 6.31 13.99
N GLY A 376 5.38 5.87 13.35
CA GLY A 376 6.67 5.69 14.01
C GLY A 376 7.58 6.88 13.83
N TYR A 377 8.67 6.92 14.60
CA TYR A 377 9.52 8.11 14.64
C TYR A 377 10.40 8.22 13.40
N SER A 378 11.13 7.14 13.10
CA SER A 378 11.79 6.95 11.80
C SER A 378 12.54 5.61 11.78
N HIS A 379 13.03 5.24 10.59
CA HIS A 379 13.57 3.91 10.29
C HIS A 379 12.49 2.86 10.53
N SER A 380 11.26 3.34 10.65
CA SER A 380 10.07 2.52 10.61
C SER A 380 9.41 2.76 9.26
N ALA A 381 10.03 3.65 8.48
CA ALA A 381 9.62 3.93 7.13
C ALA A 381 9.66 2.66 6.28
N ASN A 382 10.74 1.90 6.44
CA ASN A 382 10.84 0.61 5.76
C ASN A 382 9.93 -0.42 6.41
N VAL A 383 9.64 -0.24 7.69
CA VAL A 383 8.64 -1.07 8.36
C VAL A 383 7.28 -0.81 7.73
N GLU A 384 6.94 0.45 7.54
CA GLU A 384 5.69 0.83 6.91
C GLU A 384 5.64 0.30 5.48
N THR A 385 6.77 0.35 4.79
CA THR A 385 6.86 -0.10 3.40
C THR A 385 6.65 -1.62 3.29
N ARG A 386 7.30 -2.36 4.18
CA ARG A 386 7.19 -3.82 4.19
C ARG A 386 5.79 -4.27 4.58
N VAL A 387 5.29 -3.75 5.71
CA VAL A 387 3.92 -4.00 6.17
C VAL A 387 2.93 -3.79 5.05
N THR A 388 3.07 -2.64 4.41
CA THR A 388 2.22 -2.24 3.30
C THR A 388 2.31 -3.19 2.11
N GLU A 389 3.53 -3.60 1.78
CA GLU A 389 3.74 -4.54 0.69
C GLU A 389 3.03 -5.87 0.96
N ILE A 390 3.17 -6.36 2.19
CA ILE A 390 2.52 -7.61 2.59
C ILE A 390 1.00 -7.47 2.52
N ILE A 391 0.48 -6.34 3.00
CA ILE A 391 -0.96 -6.08 2.95
C ILE A 391 -1.46 -6.09 1.51
N SER A 392 -0.76 -5.36 0.64
CA SER A 392 -1.09 -5.33 -0.78
C SER A 392 -1.08 -6.72 -1.38
N ARG A 393 -0.11 -7.54 -0.98
CA ARG A 393 0.02 -8.89 -1.49
C ARG A 393 -1.17 -9.78 -1.07
N ILE A 394 -1.50 -9.73 0.23
CA ILE A 394 -2.61 -10.50 0.77
C ILE A 394 -3.95 -10.09 0.13
N ASN A 395 -4.19 -8.79 0.04
CA ASN A 395 -5.42 -8.30 -0.56
C ASN A 395 -5.50 -8.60 -2.05
N SER A 396 -4.35 -8.60 -2.72
CA SER A 396 -4.30 -8.95 -4.13
C SER A 396 -4.61 -10.44 -4.33
N LYS A 397 -4.10 -11.27 -3.43
CA LYS A 397 -4.24 -12.71 -3.59
C LYS A 397 -5.61 -13.24 -3.17
N TYR A 398 -6.13 -12.76 -2.05
CA TYR A 398 -7.35 -13.33 -1.49
C TYR A 398 -8.53 -12.36 -1.46
N GLY A 399 -8.30 -11.12 -1.88
CA GLY A 399 -9.35 -10.13 -1.86
C GLY A 399 -10.19 -10.11 -3.13
N ASN A 400 -11.39 -9.55 -3.02
CA ASN A 400 -12.19 -9.23 -4.19
C ASN A 400 -12.92 -7.90 -3.96
N LEU A 401 -13.90 -7.62 -4.81
CA LEU A 401 -14.58 -6.34 -4.78
C LEU A 401 -15.43 -6.17 -3.52
N ASN A 402 -15.96 -7.28 -3.03
CA ASN A 402 -16.83 -7.27 -1.85
C ASN A 402 -16.12 -7.71 -0.57
N HIS A 403 -14.96 -8.35 -0.73
CA HIS A 403 -14.21 -8.81 0.43
C HIS A 403 -12.75 -8.34 0.43
N THR A 404 -12.36 -7.67 1.51
CA THR A 404 -10.99 -7.22 1.70
C THR A 404 -10.42 -7.81 2.99
N PRO A 405 -9.51 -8.78 2.87
CA PRO A 405 -8.91 -9.54 3.98
C PRO A 405 -8.24 -8.65 5.02
N VAL A 406 -7.43 -7.69 4.59
CA VAL A 406 -6.75 -6.79 5.52
C VAL A 406 -7.21 -5.34 5.38
N LEU A 407 -7.69 -4.77 6.48
CA LEU A 407 -8.05 -3.37 6.51
C LEU A 407 -7.04 -2.62 7.38
N HIS A 408 -6.39 -1.62 6.78
CA HIS A 408 -5.34 -0.87 7.47
C HIS A 408 -5.71 0.60 7.63
N TYR A 409 -5.92 1.01 8.88
CA TYR A 409 -6.24 2.40 9.20
C TYR A 409 -5.06 3.04 9.90
N GLN A 410 -4.51 4.10 9.29
CA GLN A 410 -3.39 4.81 9.87
C GLN A 410 -3.84 6.15 10.46
N MET A 411 -5.12 6.46 10.29
CA MET A 411 -5.69 7.64 10.93
C MET A 411 -5.94 7.41 12.40
N ARG A 412 -6.07 8.48 13.17
CA ARG A 412 -6.44 8.36 14.57
C ARG A 412 -7.92 8.03 14.66
N VAL A 413 -8.25 7.00 15.42
CA VAL A 413 -9.64 6.59 15.57
C VAL A 413 -10.15 7.01 16.95
N ALA A 414 -11.47 7.13 17.06
CA ALA A 414 -12.08 7.56 18.30
C ALA A 414 -12.02 6.48 19.36
N LYS A 415 -12.07 6.89 20.61
CA LYS A 415 -11.99 5.98 21.74
C LYS A 415 -13.14 5.00 21.72
N GLU A 416 -14.32 5.51 21.40
CA GLU A 416 -15.51 4.68 21.30
C GLU A 416 -15.46 3.77 20.09
N GLU A 417 -14.87 4.26 19.00
CA GLU A 417 -14.68 3.44 17.80
C GLU A 417 -13.71 2.31 18.09
N TYR A 418 -12.67 2.62 18.86
CA TYR A 418 -11.65 1.65 19.25
C TYR A 418 -12.23 0.56 20.13
N LEU A 419 -12.93 0.97 21.19
CA LEU A 419 -13.57 0.02 22.10
C LEU A 419 -14.62 -0.83 21.38
N ALA A 420 -15.38 -0.20 20.49
CA ALA A 420 -16.29 -0.92 19.61
C ALA A 420 -15.50 -2.02 18.91
N LEU A 421 -14.48 -1.62 18.18
CA LEU A 421 -13.60 -2.56 17.46
C LEU A 421 -13.15 -3.74 18.32
N LEU A 422 -12.73 -3.47 19.56
CA LEU A 422 -12.33 -4.55 20.45
C LEU A 422 -13.49 -5.47 20.81
N ARG A 423 -14.66 -4.88 21.07
CA ARG A 423 -15.84 -5.68 21.43
C ARG A 423 -16.36 -6.55 20.28
N VAL A 424 -16.39 -6.03 19.06
CA VAL A 424 -16.89 -6.80 17.92
C VAL A 424 -15.90 -7.89 17.50
N ALA A 425 -14.67 -7.77 17.98
CA ALA A 425 -13.60 -8.69 17.59
C ALA A 425 -13.90 -10.15 17.94
N ASP A 426 -13.71 -11.04 16.98
CA ASP A 426 -13.79 -12.46 17.22
C ASP A 426 -12.41 -13.01 17.58
N LEU A 427 -11.39 -12.20 17.36
CA LEU A 427 -10.02 -12.56 17.68
C LEU A 427 -9.18 -11.35 18.01
N ALA A 428 -8.18 -11.55 18.86
CA ALA A 428 -7.18 -10.55 19.09
C ALA A 428 -5.86 -11.23 18.85
N LEU A 429 -4.95 -10.58 18.13
CA LEU A 429 -3.64 -11.16 17.87
C LEU A 429 -2.54 -10.17 18.23
N ILE A 430 -1.74 -10.52 19.24
CA ILE A 430 -0.59 -9.70 19.62
C ILE A 430 0.70 -10.43 19.27
N THR A 431 1.52 -9.81 18.42
CA THR A 431 2.72 -10.45 17.88
C THR A 431 3.98 -9.66 18.19
N SER A 432 3.93 -8.86 19.25
CA SER A 432 5.02 -7.98 19.64
C SER A 432 6.36 -8.70 19.76
N VAL A 433 7.38 -8.16 19.11
CA VAL A 433 8.72 -8.74 19.15
C VAL A 433 9.38 -8.48 20.51
N ARG A 434 9.17 -7.27 21.02
CA ARG A 434 9.76 -6.87 22.30
C ARG A 434 9.10 -5.60 22.83
N ASP A 435 8.46 -5.71 23.99
CA ASP A 435 7.88 -4.54 24.65
C ASP A 435 7.82 -4.69 26.16
N GLY A 436 7.58 -3.58 26.85
CA GLY A 436 7.39 -3.61 28.29
C GLY A 436 6.04 -4.21 28.63
N MET A 437 5.00 -3.68 28.02
CA MET A 437 3.64 -4.16 28.25
C MET A 437 2.71 -3.88 27.07
N ASN A 438 1.82 -4.83 26.79
CA ASN A 438 0.81 -4.64 25.77
C ASN A 438 -0.55 -4.32 26.39
N THR A 439 -0.88 -3.03 26.40
CA THR A 439 -2.13 -2.54 26.96
C THR A 439 -3.36 -3.06 26.21
N THR A 440 -3.21 -3.13 24.89
CA THR A 440 -4.29 -3.53 23.99
C THR A 440 -4.86 -4.92 24.33
N SER A 441 -3.99 -5.84 24.72
CA SER A 441 -4.43 -7.18 25.08
C SER A 441 -5.33 -7.17 26.31
N LEU A 442 -4.91 -6.45 27.34
CA LEU A 442 -5.67 -6.30 28.56
C LEU A 442 -7.04 -5.66 28.29
N GLU A 443 -7.01 -4.52 27.59
CA GLU A 443 -8.24 -3.83 27.19
C GLU A 443 -9.18 -4.76 26.42
N PHE A 444 -8.61 -5.55 25.51
CA PHE A 444 -9.38 -6.52 24.74
C PHE A 444 -10.04 -7.55 25.65
N VAL A 445 -9.28 -8.07 26.61
CA VAL A 445 -9.81 -9.06 27.55
C VAL A 445 -10.99 -8.47 28.32
N ILE A 446 -10.86 -7.21 28.75
CA ILE A 446 -11.98 -6.54 29.39
C ILE A 446 -13.19 -6.47 28.45
N CYS A 447 -12.92 -6.08 27.20
CA CYS A 447 -13.98 -5.90 26.21
C CYS A 447 -14.64 -7.21 25.80
N GLN A 448 -14.04 -8.32 26.15
CA GLN A 448 -14.58 -9.62 25.74
C GLN A 448 -15.21 -10.42 26.87
N LYS A 449 -15.44 -9.80 28.02
CA LYS A 449 -15.97 -10.55 29.17
C LYS A 449 -17.33 -11.16 28.89
N TYR A 450 -18.16 -10.48 28.10
CA TYR A 450 -19.49 -11.00 27.80
C TYR A 450 -19.45 -11.81 26.51
N ASN A 451 -18.58 -11.41 25.58
CA ASN A 451 -18.53 -12.04 24.28
C ASN A 451 -17.57 -13.23 24.21
N ASN A 452 -16.53 -13.19 25.03
CA ASN A 452 -15.58 -14.30 25.19
C ASN A 452 -14.78 -14.67 23.96
N SER A 453 -14.33 -13.67 23.20
CA SER A 453 -13.47 -13.95 22.04
C SER A 453 -12.02 -14.19 22.48
N PRO A 454 -11.35 -15.15 21.83
CA PRO A 454 -9.97 -15.56 22.18
C PRO A 454 -8.88 -14.53 21.90
N LEU A 455 -7.87 -14.58 22.75
CA LEU A 455 -6.68 -13.75 22.63
C LEU A 455 -5.46 -14.61 22.39
N ILE A 456 -4.73 -14.30 21.32
CA ILE A 456 -3.47 -14.97 21.03
C ILE A 456 -2.32 -14.01 21.35
N LEU A 457 -1.37 -14.49 22.14
CA LEU A 457 -0.33 -13.65 22.70
C LEU A 457 1.08 -14.13 22.33
N SER A 458 1.91 -13.20 21.91
CA SER A 458 3.31 -13.49 21.63
C SER A 458 3.99 -13.82 22.94
N GLU A 459 4.87 -14.82 22.95
CA GLU A 459 5.56 -15.21 24.17
C GLU A 459 6.65 -14.20 24.53
N PHE A 460 6.96 -13.31 23.60
CA PHE A 460 8.01 -12.34 23.80
C PHE A 460 7.50 -11.01 24.35
N THR A 461 6.18 -10.83 24.35
CA THR A 461 5.61 -9.62 24.93
C THR A 461 5.58 -9.75 26.45
N GLY A 462 5.66 -8.61 27.14
CA GLY A 462 5.68 -8.60 28.59
C GLY A 462 4.38 -9.11 29.21
N THR A 463 3.28 -8.95 28.49
CA THR A 463 1.97 -9.33 29.01
C THR A 463 1.86 -10.85 29.17
N ALA A 464 2.64 -11.59 28.37
CA ALA A 464 2.72 -13.03 28.53
C ALA A 464 3.14 -13.40 29.96
N THR A 465 3.86 -12.49 30.62
CA THR A 465 4.27 -12.71 32.00
C THR A 465 3.09 -12.74 32.96
N VAL A 466 2.06 -11.92 32.71
CA VAL A 466 0.94 -11.87 33.64
C VAL A 466 -0.22 -12.75 33.21
N LEU A 467 -0.51 -12.81 31.90
CA LEU A 467 -1.61 -13.61 31.39
C LEU A 467 -1.08 -14.98 30.94
N LYS A 468 -0.64 -15.78 31.91
CA LYS A 468 -0.03 -17.07 31.64
C LYS A 468 -0.95 -18.05 30.93
N ASP A 469 -2.24 -17.99 31.25
CA ASP A 469 -3.20 -18.95 30.72
C ASP A 469 -3.65 -18.65 29.29
N ALA A 470 -3.28 -17.48 28.78
CA ALA A 470 -3.64 -17.10 27.41
C ALA A 470 -2.96 -18.01 26.39
N ILE A 471 -3.59 -18.15 25.23
CA ILE A 471 -2.98 -18.88 24.13
C ILE A 471 -1.70 -18.16 23.71
N MET A 472 -0.65 -18.92 23.44
CA MET A 472 0.65 -18.33 23.21
C MET A 472 1.22 -18.73 21.88
N VAL A 473 2.02 -17.84 21.30
CA VAL A 473 2.61 -18.11 20.01
C VAL A 473 4.04 -17.60 19.91
N ASN A 474 4.79 -18.15 18.97
CA ASN A 474 6.04 -17.55 18.55
C ASN A 474 5.76 -16.76 17.28
N PRO A 475 5.83 -15.45 17.36
CA PRO A 475 5.47 -14.58 16.24
C PRO A 475 6.38 -14.78 15.03
N TRP A 476 7.63 -15.17 15.27
CA TRP A 476 8.56 -15.45 14.19
C TRP A 476 8.15 -16.70 13.43
N ASP A 477 7.50 -17.63 14.14
CA ASP A 477 7.00 -18.84 13.51
C ASP A 477 5.63 -18.59 12.88
N SER A 478 5.65 -18.16 11.63
CA SER A 478 4.43 -17.79 10.93
C SER A 478 3.49 -18.95 10.71
N VAL A 479 4.06 -20.10 10.39
CA VAL A 479 3.26 -21.28 10.17
C VAL A 479 2.56 -21.67 11.46
N GLY A 480 3.26 -21.53 12.57
CA GLY A 480 2.67 -21.75 13.89
C GLY A 480 1.57 -20.78 14.24
N VAL A 481 1.78 -19.51 13.89
CA VAL A 481 0.78 -18.46 14.06
C VAL A 481 -0.49 -18.82 13.31
N ALA A 482 -0.33 -19.32 12.09
CA ALA A 482 -1.45 -19.76 11.27
C ALA A 482 -2.24 -20.87 11.95
N LYS A 483 -1.54 -21.95 12.30
CA LYS A 483 -2.14 -23.07 13.01
C LYS A 483 -2.89 -22.62 14.27
N THR A 484 -2.28 -21.71 15.02
CA THR A 484 -2.86 -21.18 16.25
C THR A 484 -4.13 -20.40 15.97
N ILE A 485 -4.12 -19.59 14.92
CA ILE A 485 -5.30 -18.81 14.55
C ILE A 485 -6.45 -19.75 14.19
N ASN A 486 -6.16 -20.77 13.39
CA ASN A 486 -7.17 -21.77 13.06
C ASN A 486 -7.72 -22.45 14.32
N ASP A 487 -6.83 -22.79 15.24
CA ASP A 487 -7.24 -23.44 16.50
C ASP A 487 -8.13 -22.55 17.35
N ALA A 488 -7.78 -21.27 17.43
CA ALA A 488 -8.51 -20.31 18.25
C ALA A 488 -9.88 -20.00 17.67
N LEU A 489 -9.95 -19.94 16.34
CA LEU A 489 -11.23 -19.70 15.69
C LEU A 489 -12.18 -20.88 15.86
N MET A 490 -11.63 -22.08 16.04
CA MET A 490 -12.43 -23.29 16.13
C MET A 490 -12.65 -23.76 17.56
N LEU A 491 -12.31 -22.92 18.53
CA LEU A 491 -12.50 -23.26 19.94
C LEU A 491 -13.97 -23.51 20.26
N SER A 492 -14.24 -24.50 21.11
CA SER A 492 -15.60 -24.74 21.56
C SER A 492 -16.04 -23.59 22.45
N THR A 493 -17.35 -23.43 22.62
CA THR A 493 -17.89 -22.32 23.39
C THR A 493 -17.35 -22.29 24.82
N LYS A 494 -17.43 -23.43 25.50
CA LYS A 494 -16.97 -23.53 26.90
C LYS A 494 -15.49 -23.19 27.07
N GLU A 495 -14.65 -23.62 26.14
CA GLU A 495 -13.24 -23.27 26.17
C GLU A 495 -13.05 -21.76 26.14
N LYS A 496 -13.75 -21.10 25.20
CA LYS A 496 -13.76 -19.65 25.09
C LYS A 496 -14.18 -19.00 26.41
N VAL A 497 -15.35 -19.37 26.93
CA VAL A 497 -15.86 -18.76 28.16
C VAL A 497 -14.91 -18.97 29.35
N SER A 498 -14.43 -20.19 29.54
CA SER A 498 -13.50 -20.49 30.62
C SER A 498 -12.21 -19.66 30.53
N LEU A 499 -11.59 -19.69 29.35
CA LEU A 499 -10.34 -18.97 29.14
C LEU A 499 -10.53 -17.48 29.38
N GLU A 500 -11.62 -16.93 28.85
CA GLU A 500 -11.93 -15.53 29.06
C GLU A 500 -12.18 -15.24 30.54
N SER A 501 -12.75 -16.18 31.27
CA SER A 501 -12.94 -16.00 32.70
C SER A 501 -11.57 -15.82 33.35
N LYS A 502 -10.74 -16.85 33.19
CA LYS A 502 -9.38 -16.86 33.74
C LYS A 502 -8.62 -15.57 33.46
N LEU A 503 -8.56 -15.19 32.19
CA LEU A 503 -7.85 -13.99 31.78
C LEU A 503 -8.48 -12.72 32.33
N TYR A 504 -9.80 -12.70 32.43
CA TYR A 504 -10.52 -11.52 32.88
C TYR A 504 -10.21 -11.24 34.34
N GLU A 505 -10.41 -12.23 35.21
CA GLU A 505 -10.06 -12.02 36.62
C GLU A 505 -8.56 -11.83 36.81
N LYS A 506 -7.75 -12.40 35.92
CA LYS A 506 -6.30 -12.19 36.00
C LYS A 506 -5.94 -10.73 35.72
N VAL A 507 -6.65 -10.13 34.76
CA VAL A 507 -6.47 -8.71 34.43
C VAL A 507 -7.01 -7.83 35.56
N LEU A 508 -8.17 -8.22 36.07
CA LEU A 508 -8.83 -7.53 37.13
C LEU A 508 -8.01 -7.57 38.41
N SER A 509 -7.15 -8.57 38.50
CA SER A 509 -6.26 -8.72 39.63
C SER A 509 -5.32 -7.54 39.77
N ASN A 510 -4.79 -7.06 38.66
CA ASN A 510 -3.97 -5.87 38.71
C ASN A 510 -4.66 -4.70 38.02
N THR A 511 -5.14 -3.75 38.80
CA THR A 511 -5.70 -2.53 38.24
C THR A 511 -4.58 -1.53 38.17
N VAL A 512 -4.74 -0.47 37.38
CA VAL A 512 -3.74 0.59 37.38
C VAL A 512 -3.65 1.10 38.84
N GLN A 513 -4.81 1.44 39.44
CA GLN A 513 -4.89 2.02 40.79
C GLN A 513 -4.11 1.21 41.83
N ASN A 514 -4.33 -0.09 41.84
CA ASN A 514 -3.66 -0.95 42.79
C ASN A 514 -2.17 -1.04 42.49
N TRP A 515 -1.81 -1.06 41.22
CA TRP A 515 -0.41 -1.10 40.82
C TRP A 515 0.26 0.17 41.27
N THR A 516 -0.40 1.28 41.04
CA THR A 516 0.16 2.55 41.43
C THR A 516 0.28 2.68 42.95
N SER A 517 -0.74 2.22 43.66
CA SER A 517 -0.68 2.23 45.12
C SER A 517 0.40 1.32 45.71
N THR A 518 0.47 0.11 45.20
CA THR A 518 1.50 -0.87 45.57
C THR A 518 2.91 -0.33 45.38
N PHE A 519 3.16 0.33 44.25
CA PHE A 519 4.50 0.82 43.98
C PHE A 519 4.91 1.93 44.93
N ILE A 520 3.99 2.86 45.21
CA ILE A 520 4.27 3.94 46.16
C ILE A 520 4.60 3.31 47.52
N CYS A 521 3.80 2.34 47.91
CA CYS A 521 4.02 1.60 49.15
C CYS A 521 5.41 0.93 49.15
N ASP A 522 5.86 0.45 48.00
CA ASP A 522 7.18 -0.21 47.92
C ASP A 522 8.33 0.80 48.06
N ILE A 523 8.15 1.96 47.44
CA ILE A 523 9.17 2.98 47.51
C ILE A 523 9.34 3.36 48.95
N LEU A 524 8.22 3.57 49.64
CA LEU A 524 8.25 3.95 51.04
C LEU A 524 8.81 2.84 51.91
N SER A 525 8.43 1.62 51.56
CA SER A 525 8.83 0.46 52.33
C SER A 525 10.34 0.30 52.35
N HIS A 526 11.00 0.55 51.24
CA HIS A 526 12.45 0.39 51.21
C HIS A 526 13.20 1.62 51.72
N SER A 527 12.66 2.81 51.47
CA SER A 527 13.31 4.02 51.97
C SER A 527 13.10 4.17 53.49
N ILE A 528 13.52 3.15 54.23
CA ILE A 528 13.47 3.16 55.69
C ILE A 528 14.83 2.86 56.28
N PRO B 18 -15.35 2.07 -45.69
CA PRO B 18 -16.78 1.82 -45.47
C PRO B 18 -17.00 0.73 -44.42
N LYS B 19 -17.97 -0.13 -44.66
CA LYS B 19 -18.16 -1.31 -43.82
C LYS B 19 -17.22 -2.42 -44.28
N GLU B 20 -17.51 -3.65 -43.86
CA GLU B 20 -16.56 -4.75 -43.99
C GLU B 20 -16.16 -5.11 -45.42
N PHE B 21 -15.14 -5.95 -45.49
CA PHE B 21 -14.37 -6.33 -46.67
C PHE B 21 -15.06 -7.29 -47.64
N GLU B 22 -14.58 -7.38 -48.87
CA GLU B 22 -15.05 -8.36 -49.85
C GLU B 22 -13.92 -8.82 -50.76
N GLY B 23 -13.93 -10.10 -51.15
CA GLY B 23 -12.87 -10.69 -51.96
C GLY B 23 -12.92 -10.15 -53.38
N LYS B 24 -11.80 -10.15 -54.10
CA LYS B 24 -11.74 -9.23 -55.23
C LYS B 24 -11.00 -9.59 -56.51
N GLY B 25 -11.56 -9.05 -57.59
CA GLY B 25 -10.82 -8.46 -58.69
C GLY B 25 -9.70 -9.07 -59.51
N LYS B 26 -9.37 -8.28 -60.52
CA LYS B 26 -8.46 -8.60 -61.60
C LYS B 26 -7.01 -8.71 -61.14
N LEU B 27 -6.63 -7.95 -60.13
CA LEU B 27 -5.22 -7.82 -59.80
C LEU B 27 -4.70 -8.72 -58.67
N LYS B 28 -5.51 -8.94 -57.62
CA LYS B 28 -5.01 -9.66 -56.45
C LYS B 28 -5.58 -11.06 -56.29
N LEU B 29 -4.87 -11.90 -55.51
CA LEU B 29 -4.92 -13.36 -55.69
C LEU B 29 -5.77 -14.20 -54.73
N SER B 30 -5.57 -14.09 -53.42
CA SER B 30 -6.18 -15.08 -52.50
C SER B 30 -7.03 -14.51 -51.37
N GLY B 31 -7.84 -15.38 -50.77
CA GLY B 31 -8.83 -14.97 -49.78
C GLY B 31 -8.64 -15.48 -48.36
N ARG B 32 -7.41 -15.78 -47.97
CA ARG B 32 -7.13 -16.20 -46.61
C ARG B 32 -6.29 -15.15 -45.90
N ILE B 33 -6.52 -14.97 -44.60
CA ILE B 33 -5.75 -13.99 -43.83
C ILE B 33 -5.04 -14.64 -42.63
N LEU B 34 -3.83 -14.17 -42.37
CA LEU B 34 -3.06 -14.64 -41.23
C LEU B 34 -2.78 -13.49 -40.26
N ASN B 35 -3.27 -13.63 -39.04
CA ASN B 35 -3.07 -12.62 -38.00
C ASN B 35 -1.99 -13.06 -37.03
N VAL B 36 -0.96 -12.24 -36.88
CA VAL B 36 0.21 -12.61 -36.07
C VAL B 36 0.38 -11.66 -34.91
N MET B 37 0.44 -12.17 -33.67
CA MET B 37 0.64 -11.26 -32.54
C MET B 37 1.55 -11.84 -31.46
N THR B 38 1.88 -11.01 -30.48
CA THR B 38 2.83 -11.36 -29.43
C THR B 38 2.46 -12.66 -28.72
N SER B 39 1.27 -12.71 -28.14
CA SER B 39 0.83 -13.91 -27.44
C SER B 39 -0.64 -14.23 -27.68
N LEU B 40 -1.02 -15.49 -27.51
CA LEU B 40 -2.37 -15.95 -27.79
C LEU B 40 -3.37 -15.36 -26.85
N PRO B 41 -4.60 -15.20 -27.31
CA PRO B 41 -5.62 -14.61 -26.43
C PRO B 41 -5.85 -15.42 -25.16
N LEU B 42 -5.46 -16.71 -25.11
CA LEU B 42 -5.67 -17.53 -23.92
C LEU B 42 -4.35 -18.05 -23.31
N GLN B 43 -4.34 -18.27 -22.00
CA GLN B 43 -3.13 -18.67 -21.26
C GLN B 43 -2.95 -20.18 -21.14
N ILE B 44 -1.73 -20.59 -20.84
CA ILE B 44 -1.34 -22.00 -20.68
C ILE B 44 -1.65 -22.84 -21.92
N VAL B 62 -6.48 -13.63 -18.07
CA VAL B 62 -6.35 -13.74 -19.52
C VAL B 62 -6.62 -12.38 -20.17
N ARG B 63 -6.61 -11.35 -19.32
CA ARG B 63 -6.91 -9.96 -19.67
C ARG B 63 -6.28 -9.44 -20.97
N GLY B 64 -4.95 -9.44 -21.04
CA GLY B 64 -4.25 -8.92 -22.21
C GLY B 64 -4.75 -7.55 -22.64
N ASN B 65 -4.76 -7.31 -23.94
CA ASN B 65 -5.31 -6.08 -24.48
C ASN B 65 -6.53 -6.37 -25.33
N SER B 66 -7.67 -5.87 -24.87
CA SER B 66 -8.98 -6.27 -25.39
C SER B 66 -9.33 -5.83 -26.81
N ALA B 67 -8.90 -4.65 -27.23
CA ALA B 67 -9.26 -4.13 -28.55
C ALA B 67 -8.74 -5.03 -29.66
N LEU B 68 -7.46 -5.37 -29.57
CA LEU B 68 -6.82 -6.26 -30.54
C LEU B 68 -7.52 -7.60 -30.59
N TYR B 69 -7.87 -8.16 -29.43
CA TYR B 69 -8.55 -9.44 -29.36
C TYR B 69 -9.96 -9.36 -29.96
N SER B 70 -10.59 -8.20 -29.79
CA SER B 70 -11.89 -7.96 -30.42
C SER B 70 -11.73 -7.98 -31.94
N SER B 71 -10.69 -7.32 -32.43
CA SER B 71 -10.38 -7.35 -33.86
C SER B 71 -10.17 -8.78 -34.36
N GLN B 72 -9.39 -9.55 -33.60
CA GLN B 72 -9.07 -10.94 -33.96
C GLN B 72 -10.32 -11.81 -33.99
N HIS B 73 -11.17 -11.65 -32.99
CA HIS B 73 -12.45 -12.35 -32.90
C HIS B 73 -13.33 -12.03 -34.09
N PHE B 74 -13.38 -10.75 -34.44
CA PHE B 74 -14.10 -10.28 -35.61
C PHE B 74 -13.63 -10.95 -36.88
N LEU B 75 -12.31 -11.03 -37.06
CA LEU B 75 -11.75 -11.75 -38.19
C LEU B 75 -12.14 -13.23 -38.15
N ALA B 76 -12.10 -13.81 -36.95
CA ALA B 76 -12.36 -15.23 -36.76
C ALA B 76 -13.77 -15.61 -37.16
N GLU B 77 -14.73 -14.74 -36.88
CA GLU B 77 -16.11 -15.04 -37.20
C GLU B 77 -16.40 -14.95 -38.71
N ASN B 78 -15.74 -14.02 -39.38
CA ASN B 78 -16.03 -13.75 -40.79
C ASN B 78 -15.72 -14.94 -41.70
N LYS B 79 -16.68 -15.23 -42.58
CA LYS B 79 -16.59 -16.35 -43.52
C LYS B 79 -16.24 -15.97 -44.96
N GLU B 80 -16.07 -14.69 -45.23
CA GLU B 80 -15.52 -14.28 -46.53
C GLU B 80 -14.06 -14.70 -46.54
N TRP B 81 -13.24 -13.95 -45.78
CA TRP B 81 -11.87 -14.34 -45.51
C TRP B 81 -11.83 -15.26 -44.30
N GLU B 82 -11.15 -16.39 -44.44
CA GLU B 82 -10.90 -17.23 -43.28
C GLU B 82 -9.56 -16.83 -42.67
N THR B 83 -9.57 -16.66 -41.35
CA THR B 83 -8.43 -16.13 -40.62
C THR B 83 -7.76 -17.19 -39.77
N HIS B 84 -6.43 -17.21 -39.78
CA HIS B 84 -5.66 -18.08 -38.90
C HIS B 84 -4.86 -17.25 -37.92
N LEU B 85 -4.73 -17.74 -36.69
CA LEU B 85 -4.05 -16.97 -35.66
C LEU B 85 -2.70 -17.57 -35.31
N ILE B 86 -1.65 -16.75 -35.38
CA ILE B 86 -0.31 -17.20 -35.03
C ILE B 86 0.27 -16.33 -33.92
N ALA B 87 0.68 -17.00 -32.83
CA ALA B 87 1.28 -16.33 -31.68
C ALA B 87 1.94 -17.31 -30.73
N TRP B 88 2.85 -16.78 -29.93
CA TRP B 88 3.53 -17.51 -28.86
C TRP B 88 2.61 -17.67 -27.64
N THR B 89 2.97 -18.59 -26.73
CA THR B 89 2.22 -18.79 -25.49
C THR B 89 3.18 -18.82 -24.30
N GLY B 90 3.02 -17.88 -23.39
CA GLY B 90 3.87 -17.79 -22.21
C GLY B 90 3.22 -18.37 -20.96
N ASP B 115 6.43 -30.87 -18.82
CA ASP B 115 5.73 -31.67 -19.82
C ASP B 115 6.58 -31.80 -21.09
N GLU B 116 6.01 -31.33 -22.19
CA GLU B 116 6.73 -31.12 -23.43
C GLU B 116 7.02 -32.40 -24.22
N GLU B 117 6.18 -33.42 -24.05
CA GLU B 117 6.08 -34.46 -25.06
C GLU B 117 5.29 -33.81 -26.20
N ASP B 118 5.94 -33.60 -27.33
CA ASP B 118 5.46 -32.68 -28.36
C ASP B 118 4.10 -33.04 -28.95
N LYS B 119 3.83 -34.33 -29.09
CA LYS B 119 2.52 -34.75 -29.56
C LYS B 119 1.45 -34.49 -28.50
N SER B 120 1.86 -34.36 -27.24
CA SER B 120 0.96 -33.87 -26.20
C SER B 120 0.70 -32.38 -26.39
N LYS B 121 1.68 -31.72 -27.01
CA LYS B 121 1.53 -30.33 -27.41
C LYS B 121 0.42 -30.27 -28.41
N ILE B 122 0.38 -31.26 -29.30
CA ILE B 122 -0.72 -31.34 -30.24
C ILE B 122 -1.96 -32.03 -29.59
N GLU B 123 -1.88 -32.42 -28.33
CA GLU B 123 -3.16 -32.54 -27.61
C GLU B 123 -3.65 -31.12 -27.49
N LYS B 124 -2.74 -30.27 -27.02
CA LYS B 124 -3.10 -28.94 -26.55
C LYS B 124 -3.41 -27.89 -27.63
N LYS B 125 -3.04 -28.16 -28.88
CA LYS B 125 -3.41 -27.27 -29.98
C LYS B 125 -4.91 -27.25 -30.18
N LEU B 126 -5.43 -28.38 -30.60
CA LEU B 126 -6.83 -28.52 -30.96
C LEU B 126 -7.69 -28.19 -29.77
N CYS B 127 -7.32 -28.70 -28.60
CA CYS B 127 -7.95 -28.25 -27.36
C CYS B 127 -7.72 -26.74 -27.22
N ASP B 128 -8.77 -25.99 -26.91
CA ASP B 128 -8.74 -24.52 -26.87
C ASP B 128 -8.37 -23.86 -28.21
N ALA B 129 -8.29 -24.64 -29.27
CA ALA B 129 -8.43 -24.10 -30.61
C ALA B 129 -9.90 -24.28 -30.99
N SER B 130 -10.69 -24.71 -30.01
CA SER B 130 -12.11 -24.43 -30.05
C SER B 130 -12.23 -22.97 -29.63
N GLY B 131 -13.23 -22.27 -30.13
CA GLY B 131 -13.33 -20.83 -29.96
C GLY B 131 -12.90 -20.17 -31.25
N THR B 132 -12.61 -21.01 -32.24
CA THR B 132 -12.15 -20.60 -33.55
C THR B 132 -12.08 -21.89 -34.37
N PRO B 133 -12.09 -21.78 -35.70
CA PRO B 133 -11.79 -23.01 -36.46
C PRO B 133 -10.39 -23.55 -36.19
N ASN B 134 -9.33 -22.78 -36.41
CA ASN B 134 -8.02 -23.12 -35.85
C ASN B 134 -6.91 -22.05 -35.70
N ILE B 135 -6.15 -22.17 -34.61
CA ILE B 135 -4.96 -21.35 -34.35
C ILE B 135 -3.71 -22.21 -34.42
N HIS B 136 -2.59 -21.61 -34.77
CA HIS B 136 -1.29 -22.28 -34.75
C HIS B 136 -0.40 -21.63 -33.72
N PRO B 137 -0.25 -22.25 -32.55
CA PRO B 137 0.57 -21.63 -31.49
C PRO B 137 2.06 -21.75 -31.79
N VAL B 138 2.86 -21.09 -30.96
CA VAL B 138 4.30 -21.25 -31.02
C VAL B 138 4.82 -21.53 -29.61
N TRP B 139 5.45 -22.69 -29.44
CA TRP B 139 6.02 -23.07 -28.15
C TRP B 139 7.50 -22.79 -28.13
N LEU B 140 7.96 -22.12 -27.09
CA LEU B 140 9.39 -21.92 -26.95
C LEU B 140 9.88 -22.75 -25.78
N LEU B 141 10.69 -23.75 -26.10
CA LEU B 141 11.18 -24.67 -25.11
C LEU B 141 12.27 -24.09 -24.22
N ARG B 142 12.36 -24.67 -23.03
CA ARG B 142 13.35 -24.28 -22.04
C ARG B 142 12.66 -23.21 -21.24
N ARG B 143 13.08 -23.01 -20.01
CA ARG B 143 12.39 -22.07 -19.14
C ARG B 143 12.16 -20.73 -19.86
N ASP B 144 10.89 -20.42 -20.05
CA ASP B 144 10.43 -19.41 -20.99
C ASP B 144 10.15 -18.08 -20.29
N GLN B 145 10.39 -18.06 -19.00
CA GLN B 145 9.98 -16.96 -18.12
C GLN B 145 10.18 -15.55 -18.69
N GLY B 146 11.36 -15.28 -19.24
CA GLY B 146 11.76 -13.90 -19.51
C GLY B 146 12.35 -13.58 -20.86
N ARG B 147 13.26 -14.41 -21.35
CA ARG B 147 14.03 -14.22 -22.60
C ARG B 147 13.44 -13.26 -23.66
N TRP B 148 12.58 -13.83 -24.50
CA TRP B 148 11.77 -13.10 -25.46
C TRP B 148 11.20 -11.81 -24.80
N ARG B 149 10.41 -12.05 -23.75
CA ARG B 149 9.89 -10.98 -22.89
C ARG B 149 10.98 -9.98 -22.46
N LYS B 150 12.11 -10.48 -21.97
CA LYS B 150 13.21 -9.62 -21.51
C LYS B 150 13.63 -8.60 -22.58
N TYR B 151 14.00 -9.06 -23.78
CA TYR B 151 14.43 -8.08 -24.78
C TYR B 151 13.29 -7.13 -25.13
N ALA B 152 12.14 -7.70 -25.48
CA ALA B 152 11.00 -6.88 -25.92
C ALA B 152 10.65 -5.81 -24.88
N GLU B 153 10.14 -6.26 -23.74
CA GLU B 153 9.86 -5.40 -22.59
C GLU B 153 11.02 -4.44 -22.24
N ASN B 154 12.12 -4.94 -21.65
CA ASN B 154 13.18 -4.09 -21.07
C ASN B 154 13.88 -3.14 -22.05
N VAL B 155 14.22 -3.63 -23.24
CA VAL B 155 15.01 -2.81 -24.17
C VAL B 155 14.05 -1.94 -24.98
N LEU B 156 12.96 -2.52 -25.49
CA LEU B 156 12.13 -1.74 -26.41
C LEU B 156 11.03 -0.90 -25.73
N TRP B 157 10.38 -1.44 -24.69
CA TRP B 157 9.20 -0.78 -24.14
C TRP B 157 9.52 0.60 -23.52
N PRO B 158 10.56 0.70 -22.66
CA PRO B 158 10.93 2.02 -22.14
C PRO B 158 11.40 3.04 -23.19
N VAL B 159 12.20 2.61 -24.16
CA VAL B 159 12.69 3.52 -25.17
C VAL B 159 11.54 4.11 -25.97
N PHE B 160 10.58 3.25 -26.33
CA PHE B 160 9.42 3.70 -27.09
C PHE B 160 8.53 4.62 -26.26
N HIS B 161 8.62 4.50 -24.94
CA HIS B 161 7.82 5.30 -24.01
C HIS B 161 8.65 6.38 -23.33
N TYR B 162 9.88 6.57 -23.82
CA TYR B 162 10.81 7.57 -23.29
C TYR B 162 11.15 7.30 -21.83
N ILE B 163 11.65 6.10 -21.55
CA ILE B 163 12.01 5.71 -20.19
C ILE B 163 13.46 5.20 -20.16
N GLN B 164 14.09 5.29 -18.99
CA GLN B 164 15.46 4.83 -18.77
C GLN B 164 16.48 5.65 -19.56
N PRO B 167 16.01 -0.18 -15.68
CA PRO B 167 17.14 0.60 -16.19
C PRO B 167 18.48 -0.13 -16.02
N SER B 168 18.72 -0.69 -14.84
CA SER B 168 19.95 -1.43 -14.58
C SER B 168 20.07 -2.60 -15.56
N ASP B 169 21.09 -2.53 -16.41
CA ASP B 169 21.15 -3.40 -17.59
C ASP B 169 22.56 -3.74 -18.01
N GLY B 170 22.71 -4.06 -19.29
CA GLY B 170 24.02 -4.17 -19.92
C GLY B 170 24.54 -5.58 -20.18
N LYS B 171 24.04 -6.56 -19.43
CA LYS B 171 24.61 -7.91 -19.51
C LYS B 171 23.77 -8.83 -20.40
N ALA B 172 22.47 -8.89 -20.14
CA ALA B 172 21.58 -9.68 -20.96
C ALA B 172 21.25 -8.98 -22.28
N GLU B 173 21.81 -7.80 -22.53
CA GLU B 173 21.56 -7.10 -23.79
C GLU B 173 21.76 -8.01 -25.01
N THR B 174 22.93 -8.63 -25.08
CA THR B 174 23.27 -9.55 -26.16
C THR B 174 22.39 -10.82 -26.16
N ASP B 175 22.19 -11.41 -24.98
CA ASP B 175 21.40 -12.65 -24.85
C ASP B 175 19.94 -12.46 -25.22
N ALA B 176 19.36 -11.40 -24.69
CA ALA B 176 18.00 -10.96 -24.99
C ALA B 176 17.84 -10.61 -26.45
N TRP B 177 18.83 -9.94 -27.04
CA TRP B 177 18.77 -9.66 -28.47
C TRP B 177 18.73 -10.96 -29.28
N HIS B 178 19.64 -11.87 -28.96
CA HIS B 178 19.71 -13.16 -29.66
C HIS B 178 18.40 -13.95 -29.51
N ASP B 179 17.85 -13.96 -28.31
CA ASP B 179 16.58 -14.63 -28.06
C ASP B 179 15.44 -13.96 -28.83
N TYR B 180 15.48 -12.64 -28.92
CA TYR B 180 14.51 -11.85 -29.68
C TYR B 180 14.52 -12.28 -31.14
N VAL B 181 15.73 -12.34 -31.70
CA VAL B 181 15.90 -12.81 -33.07
C VAL B 181 15.29 -14.21 -33.21
N LYS B 182 15.65 -15.13 -32.33
CA LYS B 182 15.10 -16.49 -32.35
C LYS B 182 13.57 -16.53 -32.33
N PHE B 183 12.98 -15.67 -31.51
CA PHE B 183 11.53 -15.49 -31.41
C PHE B 183 10.95 -15.19 -32.79
N ASN B 184 11.43 -14.09 -33.37
CA ASN B 184 10.99 -13.70 -34.71
C ASN B 184 11.20 -14.79 -35.77
N GLU B 185 12.30 -15.52 -35.66
CA GLU B 185 12.64 -16.56 -36.62
C GLU B 185 11.68 -17.75 -36.51
N ALA B 186 11.30 -18.11 -35.28
CA ALA B 186 10.29 -19.15 -35.07
C ALA B 186 8.96 -18.75 -35.71
N TYR B 187 8.53 -17.54 -35.39
CA TYR B 187 7.34 -16.99 -36.05
C TYR B 187 7.42 -17.17 -37.57
N LEU B 188 8.50 -16.64 -38.18
CA LEU B 188 8.76 -16.82 -39.61
C LEU B 188 8.61 -18.27 -40.09
N ASN B 189 9.21 -19.19 -39.34
CA ASN B 189 9.11 -20.62 -39.64
C ASN B 189 7.67 -21.09 -39.74
N LYS B 190 6.87 -20.75 -38.73
CA LYS B 190 5.43 -21.07 -38.78
C LYS B 190 4.78 -20.47 -40.03
N ILE B 191 5.14 -19.22 -40.34
CA ILE B 191 4.46 -18.55 -41.45
C ILE B 191 4.79 -19.22 -42.78
N LYS B 192 6.05 -19.59 -42.99
CA LYS B 192 6.42 -20.28 -44.22
C LYS B 192 5.85 -21.70 -44.25
N SER B 193 5.55 -22.24 -43.07
CA SER B 193 4.86 -23.52 -42.97
C SER B 193 3.42 -23.43 -43.46
N VAL B 194 2.76 -22.32 -43.17
CA VAL B 194 1.34 -22.18 -43.47
C VAL B 194 1.06 -21.39 -44.76
N TYR B 195 2.02 -20.54 -45.16
CA TYR B 195 1.83 -19.62 -46.29
C TYR B 195 1.54 -20.30 -47.63
N LYS B 196 0.57 -19.71 -48.33
CA LYS B 196 0.27 -20.02 -49.72
C LYS B 196 0.18 -18.68 -50.44
N PRO B 197 0.71 -18.60 -51.67
CA PRO B 197 0.78 -17.31 -52.39
C PRO B 197 -0.56 -16.59 -52.48
N GLY B 198 -0.56 -15.28 -52.23
CA GLY B 198 -1.78 -14.50 -52.26
C GLY B 198 -2.35 -14.22 -50.89
N ASP B 199 -1.74 -14.80 -49.86
CA ASP B 199 -2.19 -14.60 -48.48
C ASP B 199 -2.00 -13.15 -48.06
N ILE B 200 -2.84 -12.71 -47.13
CA ILE B 200 -2.68 -11.40 -46.51
C ILE B 200 -2.09 -11.57 -45.11
N ILE B 201 -0.93 -10.96 -44.88
CA ILE B 201 -0.26 -11.10 -43.60
C ILE B 201 -0.36 -9.82 -42.76
N TRP B 202 -0.84 -9.97 -41.53
CA TRP B 202 -0.96 -8.85 -40.62
C TRP B 202 -0.14 -9.13 -39.36
N ILE B 203 0.81 -8.24 -39.07
CA ILE B 203 1.70 -8.42 -37.92
C ILE B 203 1.51 -7.28 -36.93
N HIS B 204 1.45 -7.63 -35.64
CA HIS B 204 1.16 -6.63 -34.61
C HIS B 204 2.29 -6.45 -33.60
N ASP B 205 2.68 -5.19 -33.41
CA ASP B 205 3.43 -4.72 -32.24
C ASP B 205 4.91 -5.07 -32.17
N TYR B 206 5.52 -4.70 -31.04
CA TYR B 206 6.96 -4.54 -30.90
C TYR B 206 7.76 -5.83 -30.68
N TYR B 207 7.07 -6.94 -30.47
CA TYR B 207 7.74 -8.22 -30.29
C TYR B 207 8.23 -8.76 -31.63
N LEU B 208 7.63 -8.26 -32.72
CA LEU B 208 7.83 -8.84 -34.03
C LEU B 208 8.26 -7.82 -35.08
N LEU B 209 9.16 -6.92 -34.70
CA LEU B 209 9.62 -5.88 -35.61
C LEU B 209 10.44 -6.45 -36.77
N LEU B 210 11.17 -7.52 -36.51
CA LEU B 210 12.07 -8.11 -37.50
C LEU B 210 11.33 -8.91 -38.56
N LEU B 211 10.24 -9.54 -38.15
CA LEU B 211 9.49 -10.49 -38.98
C LEU B 211 9.08 -10.02 -40.39
N PRO B 212 8.61 -8.76 -40.54
CA PRO B 212 8.23 -8.34 -41.90
C PRO B 212 9.33 -8.53 -42.95
N GLN B 213 10.58 -8.29 -42.58
CA GLN B 213 11.71 -8.45 -43.49
C GLN B 213 12.00 -9.91 -43.77
N LEU B 214 11.87 -10.74 -42.74
CA LEU B 214 12.06 -12.18 -42.87
C LEU B 214 11.06 -12.74 -43.87
N LEU B 215 9.79 -12.36 -43.72
CA LEU B 215 8.74 -12.77 -44.63
C LEU B 215 8.96 -12.23 -46.04
N ARG B 216 9.32 -10.96 -46.14
CA ARG B 216 9.51 -10.35 -47.44
C ARG B 216 10.66 -10.96 -48.22
N MET B 217 11.74 -11.29 -47.54
CA MET B 217 12.83 -12.02 -48.18
C MET B 217 12.41 -13.43 -48.55
N GLU B 218 11.71 -14.10 -47.63
CA GLU B 218 11.21 -15.44 -47.93
C GLU B 218 10.15 -15.37 -49.02
N PHE B 219 9.31 -14.35 -48.95
CA PHE B 219 8.22 -14.17 -49.92
C PHE B 219 8.19 -12.76 -50.50
N PRO B 220 8.97 -12.53 -51.56
CA PRO B 220 8.84 -11.29 -52.33
C PRO B 220 7.43 -11.19 -52.89
N ASN B 221 6.81 -12.35 -53.12
CA ASN B 221 5.42 -12.45 -53.55
C ASN B 221 4.44 -12.41 -52.38
N ALA B 222 4.31 -11.27 -51.72
CA ALA B 222 3.45 -11.19 -50.54
C ALA B 222 2.87 -9.80 -50.27
N TYR B 223 1.65 -9.80 -49.75
CA TYR B 223 1.04 -8.59 -49.20
C TYR B 223 1.21 -8.60 -47.69
N ILE B 224 1.98 -7.65 -47.17
CA ILE B 224 2.32 -7.65 -45.75
C ILE B 224 1.95 -6.34 -45.08
N GLY B 225 1.31 -6.45 -43.91
CA GLY B 225 0.94 -5.28 -43.14
C GLY B 225 1.41 -5.36 -41.71
N PHE B 226 1.94 -4.25 -41.20
CA PHE B 226 2.36 -4.19 -39.81
C PHE B 226 1.68 -3.04 -39.08
N PHE B 227 1.20 -3.31 -37.88
CA PHE B 227 0.60 -2.27 -37.06
C PHE B 227 1.28 -2.19 -35.71
N LEU B 228 1.60 -0.98 -35.27
CA LEU B 228 2.23 -0.77 -33.98
C LEU B 228 1.23 -0.19 -32.99
N HIS B 229 0.90 -0.96 -31.95
CA HIS B 229 -0.09 -0.52 -30.97
C HIS B 229 0.53 0.39 -29.92
N VAL B 230 1.80 0.18 -29.64
CA VAL B 230 2.55 1.03 -28.73
C VAL B 230 3.05 2.27 -29.47
N PRO B 231 3.43 3.32 -28.73
CA PRO B 231 4.00 4.51 -29.38
C PRO B 231 5.27 4.22 -30.15
N PHE B 232 5.63 5.09 -31.09
CA PHE B 232 6.94 5.04 -31.70
C PHE B 232 7.73 6.28 -31.32
N PRO B 233 8.96 6.08 -30.82
CA PRO B 233 9.81 7.16 -30.27
C PRO B 233 10.44 8.03 -31.35
N SER B 234 10.82 9.25 -30.97
CA SER B 234 11.55 10.14 -31.87
C SER B 234 12.92 9.58 -32.18
N SER B 235 13.62 10.20 -33.13
CA SER B 235 14.95 9.76 -33.53
C SER B 235 15.94 9.83 -32.37
N GLU B 236 15.77 10.85 -31.53
CA GLU B 236 16.67 11.06 -30.39
C GLU B 236 16.68 9.86 -29.44
N TYR B 237 15.51 9.32 -29.17
CA TYR B 237 15.39 8.17 -28.27
C TYR B 237 15.68 6.86 -28.99
N PHE B 238 15.25 6.77 -30.25
CA PHE B 238 15.42 5.54 -31.03
C PHE B 238 16.89 5.27 -31.35
N ARG B 239 17.69 6.34 -31.44
CA ARG B 239 19.12 6.19 -31.72
C ARG B 239 19.86 5.54 -30.56
N CYS B 240 19.25 5.57 -29.38
CA CYS B 240 19.87 4.97 -28.19
C CYS B 240 19.99 3.45 -28.33
N LEU B 241 19.14 2.88 -29.17
CA LEU B 241 19.12 1.43 -29.38
C LEU B 241 20.29 0.97 -30.25
N SER B 242 20.91 -0.14 -29.85
CA SER B 242 22.05 -0.68 -30.58
C SER B 242 21.62 -1.27 -31.91
N LYS B 243 20.42 -1.84 -31.95
CA LYS B 243 19.93 -2.54 -33.12
C LYS B 243 18.95 -1.68 -33.94
N ARG B 244 19.11 -0.36 -33.85
CA ARG B 244 18.21 0.58 -34.51
C ARG B 244 18.03 0.30 -36.00
N SER B 245 19.14 0.08 -36.69
CA SER B 245 19.13 -0.16 -38.13
C SER B 245 18.47 -1.51 -38.45
N GLN B 246 18.76 -2.51 -37.63
CA GLN B 246 18.16 -3.84 -37.80
C GLN B 246 16.65 -3.77 -37.62
N LEU B 247 16.21 -3.01 -36.63
CA LEU B 247 14.79 -2.87 -36.32
C LEU B 247 14.06 -2.12 -37.44
N LEU B 248 14.63 -1.00 -37.86
CA LEU B 248 14.03 -0.22 -38.95
C LEU B 248 13.94 -1.03 -40.25
N ASP B 249 15.05 -1.68 -40.59
CA ASP B 249 15.09 -2.55 -41.76
C ASP B 249 13.99 -3.60 -41.65
N GLY B 250 13.97 -4.30 -40.53
CA GLY B 250 12.96 -5.31 -40.25
C GLY B 250 11.54 -4.82 -40.44
N MET B 251 11.25 -3.61 -39.96
CA MET B 251 9.91 -3.05 -40.13
C MET B 251 9.61 -2.73 -41.59
N LEU B 252 10.63 -2.27 -42.32
CA LEU B 252 10.43 -1.80 -43.69
C LEU B 252 10.13 -2.90 -44.71
N GLY B 253 9.95 -4.13 -44.23
CA GLY B 253 9.63 -5.23 -45.12
C GLY B 253 8.19 -5.20 -45.58
N ALA B 254 7.30 -4.77 -44.70
CA ALA B 254 5.87 -4.75 -44.98
C ALA B 254 5.49 -3.70 -46.01
N ASP B 255 4.41 -3.97 -46.75
CA ASP B 255 3.88 -3.01 -47.73
C ASP B 255 3.21 -1.86 -47.01
N LYS B 256 2.52 -2.18 -45.93
CA LYS B 256 1.73 -1.20 -45.19
C LYS B 256 2.08 -1.20 -43.70
N ILE B 257 2.36 -0.01 -43.17
CA ILE B 257 2.64 0.15 -41.75
C ILE B 257 1.69 1.16 -41.14
N GLY B 258 1.04 0.79 -40.04
CA GLY B 258 0.07 1.66 -39.39
C GLY B 258 0.45 2.06 -37.98
N PHE B 259 0.09 3.28 -37.60
CA PHE B 259 0.35 3.78 -36.25
C PHE B 259 -0.91 4.34 -35.61
N GLN B 260 -0.88 4.47 -34.28
CA GLN B 260 -2.01 4.98 -33.53
C GLN B 260 -2.15 6.49 -33.69
N SER B 261 -1.03 7.18 -33.85
CA SER B 261 -1.03 8.64 -33.94
C SER B 261 -0.15 9.18 -35.05
N ASP B 262 -0.34 10.46 -35.35
CA ASP B 262 0.43 11.15 -36.38
C ASP B 262 1.89 11.31 -35.95
N SER B 263 2.09 11.57 -34.66
CA SER B 263 3.42 11.79 -34.10
C SER B 263 4.29 10.55 -34.24
N PHE B 264 3.70 9.37 -34.02
CA PHE B 264 4.42 8.12 -34.14
C PHE B 264 4.86 7.90 -35.57
N GLN B 265 3.99 8.29 -36.50
CA GLN B 265 4.26 8.20 -37.93
C GLN B 265 5.42 9.10 -38.33
N ARG B 266 5.35 10.36 -37.91
CA ARG B 266 6.41 11.32 -38.19
C ARG B 266 7.73 10.89 -37.59
N HIS B 267 7.67 10.32 -36.40
CA HIS B 267 8.88 9.83 -35.73
C HIS B 267 9.48 8.65 -36.45
N PHE B 268 8.62 7.76 -36.95
CA PHE B 268 9.11 6.60 -37.71
C PHE B 268 9.76 7.01 -39.01
N ILE B 269 9.10 7.92 -39.73
CA ILE B 269 9.63 8.42 -40.99
C ILE B 269 10.94 9.15 -40.79
N SER B 270 11.00 9.98 -39.76
CA SER B 270 12.24 10.71 -39.44
C SER B 270 13.34 9.73 -39.05
N CYS B 271 12.99 8.67 -38.34
CA CYS B 271 13.95 7.64 -37.96
C CYS B 271 14.52 6.92 -39.18
N CYS B 272 13.64 6.57 -40.13
CA CYS B 272 14.07 5.95 -41.37
C CYS B 272 14.95 6.90 -42.17
N ALA B 273 14.68 8.20 -42.06
CA ALA B 273 15.44 9.19 -42.81
C ALA B 273 16.84 9.40 -42.23
N ARG B 274 16.95 9.36 -40.90
CA ARG B 274 18.21 9.69 -40.24
C ARG B 274 19.08 8.47 -39.96
N VAL B 275 18.51 7.47 -39.30
CA VAL B 275 19.26 6.25 -38.96
C VAL B 275 19.65 5.49 -40.21
N LEU B 276 18.71 5.38 -41.15
CA LEU B 276 18.98 4.79 -42.45
C LEU B 276 19.17 5.92 -43.47
N GLY B 277 19.53 5.57 -44.69
CA GLY B 277 19.72 6.57 -45.73
C GLY B 277 18.48 6.76 -46.58
N CYS B 278 17.36 6.30 -46.07
CA CYS B 278 16.10 6.25 -46.82
C CYS B 278 15.62 7.62 -47.30
N GLU B 279 15.03 7.63 -48.50
CA GLU B 279 14.36 8.81 -49.02
C GLU B 279 12.90 8.77 -48.60
N VAL B 280 12.43 9.82 -47.92
CA VAL B 280 11.12 9.78 -47.30
C VAL B 280 10.23 11.00 -47.60
N ASN B 281 8.93 10.80 -47.44
CA ASN B 281 7.98 11.89 -47.38
C ASN B 281 6.87 11.56 -46.37
N ARG B 282 5.96 12.50 -46.16
CA ARG B 282 5.06 12.51 -45.01
C ARG B 282 4.19 11.26 -44.81
N ASP B 283 3.92 10.52 -45.88
CA ASP B 283 3.13 9.29 -45.75
C ASP B 283 3.87 8.08 -46.30
N SER B 284 5.14 8.25 -46.66
CA SER B 284 5.83 7.16 -47.34
C SER B 284 7.33 7.09 -47.09
N VAL B 285 7.83 5.86 -47.02
CA VAL B 285 9.26 5.59 -46.88
C VAL B 285 9.75 4.77 -48.07
N SER B 286 10.79 5.25 -48.73
CA SER B 286 11.29 4.60 -49.94
C SER B 286 12.57 3.82 -49.67
N ALA B 287 12.50 2.50 -49.86
CA ALA B 287 13.65 1.63 -49.72
C ALA B 287 13.45 0.39 -50.59
N TYR B 288 14.55 -0.26 -50.97
CA TYR B 288 14.56 -1.41 -51.89
C TYR B 288 14.26 -1.01 -53.33
N GLY B 289 14.25 0.30 -53.61
CA GLY B 289 13.74 0.77 -54.89
C GLY B 289 12.25 0.53 -54.90
N THR B 290 11.70 0.47 -53.69
CA THR B 290 10.30 0.15 -53.46
C THR B 290 9.70 1.21 -52.55
N THR B 291 8.39 1.40 -52.64
CA THR B 291 7.71 2.38 -51.84
C THR B 291 6.87 1.72 -50.74
N ILE B 292 7.02 2.19 -49.51
CA ILE B 292 6.24 1.68 -48.38
C ILE B 292 5.34 2.78 -47.85
N SER B 293 4.06 2.47 -47.69
CA SER B 293 3.09 3.47 -47.24
C SER B 293 2.82 3.34 -45.74
N VAL B 294 2.94 4.46 -45.03
CA VAL B 294 2.65 4.49 -43.60
C VAL B 294 1.45 5.40 -43.34
N GLU B 295 0.63 5.02 -42.37
CA GLU B 295 -0.60 5.75 -42.10
C GLU B 295 -0.94 5.81 -40.62
N THR B 296 -1.77 6.77 -40.25
CA THR B 296 -2.30 6.86 -38.90
C THR B 296 -3.73 6.34 -38.86
N LEU B 297 -3.91 5.18 -38.24
CA LEU B 297 -5.23 4.59 -38.14
C LEU B 297 -5.46 4.01 -36.74
N PRO B 298 -5.88 4.87 -35.80
CA PRO B 298 -6.10 4.47 -34.41
C PRO B 298 -7.12 3.34 -34.27
N ILE B 299 -6.78 2.36 -33.44
CA ILE B 299 -7.65 1.21 -33.23
C ILE B 299 -8.91 1.60 -32.48
N GLY B 300 -10.00 0.89 -32.74
CA GLY B 300 -11.25 1.15 -32.06
C GLY B 300 -11.67 -0.02 -31.18
N ILE B 301 -12.70 0.19 -30.37
CA ILE B 301 -13.24 -0.86 -29.52
C ILE B 301 -14.45 -1.49 -30.19
N ASP B 302 -14.90 -2.63 -29.67
CA ASP B 302 -16.11 -3.26 -30.14
C ASP B 302 -17.32 -2.57 -29.50
N THR B 303 -17.82 -1.54 -30.17
CA THR B 303 -18.91 -0.72 -29.65
C THR B 303 -20.17 -1.53 -29.35
N GLU B 304 -20.59 -2.34 -30.31
CA GLU B 304 -21.82 -3.10 -30.19
C GLU B 304 -21.80 -4.06 -28.99
N LYS B 305 -20.72 -4.83 -28.88
CA LYS B 305 -20.59 -5.81 -27.80
C LYS B 305 -20.50 -5.13 -26.44
N ILE B 306 -19.77 -4.04 -26.34
CA ILE B 306 -19.58 -3.35 -25.07
C ILE B 306 -20.86 -2.67 -24.61
N GLU B 307 -21.56 -2.03 -25.54
CA GLU B 307 -22.84 -1.39 -25.22
C GLU B 307 -23.87 -2.44 -24.81
N HIS B 308 -23.96 -3.50 -25.61
CA HIS B 308 -24.81 -4.65 -25.29
C HIS B 308 -24.52 -5.13 -23.87
N ASP B 309 -23.29 -5.55 -23.63
CA ASP B 309 -22.91 -6.12 -22.33
C ASP B 309 -23.12 -5.14 -21.17
N ALA B 310 -23.01 -3.85 -21.44
CA ALA B 310 -23.15 -2.85 -20.40
C ALA B 310 -24.61 -2.62 -20.03
N PHE B 311 -25.50 -2.70 -21.02
CA PHE B 311 -26.90 -2.36 -20.75
C PHE B 311 -27.92 -3.49 -20.95
N SER B 312 -27.45 -4.67 -21.36
CA SER B 312 -28.41 -5.73 -21.69
C SER B 312 -29.01 -6.41 -20.47
N SER B 313 -30.18 -7.01 -20.68
CA SER B 313 -30.93 -7.70 -19.65
C SER B 313 -30.23 -8.94 -19.12
N GLU B 314 -29.42 -9.57 -19.96
CA GLU B 314 -28.90 -10.90 -19.66
C GLU B 314 -27.74 -10.94 -18.66
N LEU B 315 -26.88 -9.92 -18.70
CA LEU B 315 -25.63 -9.96 -17.96
C LEU B 315 -25.74 -9.65 -16.47
N GLY B 316 -26.62 -8.72 -16.11
CA GLY B 316 -26.85 -8.40 -14.72
C GLY B 316 -25.92 -7.34 -14.15
N VAL B 317 -25.34 -6.53 -15.03
CA VAL B 317 -24.50 -5.41 -14.61
C VAL B 317 -25.34 -4.38 -13.87
N GLU B 318 -26.62 -4.26 -14.24
CA GLU B 318 -27.55 -3.34 -13.61
C GLU B 318 -27.66 -3.54 -12.10
N GLU B 319 -27.73 -4.80 -11.68
CA GLU B 319 -27.78 -5.13 -10.26
C GLU B 319 -26.55 -4.60 -9.54
N LYS B 320 -25.39 -4.83 -10.13
CA LYS B 320 -24.12 -4.38 -9.57
C LYS B 320 -24.09 -2.86 -9.47
N VAL B 321 -24.65 -2.22 -10.48
CA VAL B 321 -24.72 -0.77 -10.53
C VAL B 321 -25.58 -0.19 -9.42
N GLN B 322 -26.76 -0.78 -9.23
CA GLN B 322 -27.66 -0.32 -8.16
C GLN B 322 -27.07 -0.60 -6.79
N ALA B 323 -26.41 -1.75 -6.65
CA ALA B 323 -25.74 -2.10 -5.41
C ALA B 323 -24.66 -1.07 -5.08
N LEU B 324 -23.81 -0.76 -6.05
CA LEU B 324 -22.77 0.24 -5.88
C LEU B 324 -23.35 1.62 -5.57
N LYS B 325 -24.47 1.92 -6.20
CA LYS B 325 -25.15 3.17 -5.95
C LYS B 325 -25.62 3.28 -4.52
N GLN B 326 -26.15 2.19 -3.98
CA GLN B 326 -26.53 2.13 -2.57
C GLN B 326 -25.33 2.21 -1.62
N VAL B 327 -24.26 1.49 -1.93
CA VAL B 327 -23.07 1.49 -1.10
C VAL B 327 -22.38 2.85 -1.06
N TYR B 328 -22.27 3.47 -2.20
CA TYR B 328 -21.62 4.78 -2.30
C TYR B 328 -22.63 5.91 -2.43
N LYS B 329 -23.81 5.74 -1.83
CA LYS B 329 -24.84 6.77 -1.86
C LYS B 329 -24.36 8.04 -1.16
N GLY B 330 -24.58 9.17 -1.83
CA GLY B 330 -24.15 10.46 -1.30
C GLY B 330 -22.67 10.71 -1.53
N LYS B 331 -22.06 9.89 -2.38
CA LYS B 331 -20.63 10.01 -2.66
C LYS B 331 -20.37 10.12 -4.17
N LYS B 332 -19.30 10.82 -4.52
CA LYS B 332 -18.86 10.93 -5.90
C LYS B 332 -17.76 9.92 -6.19
N LEU B 333 -17.90 9.21 -7.31
CA LEU B 333 -16.98 8.13 -7.64
C LEU B 333 -16.09 8.46 -8.83
N ILE B 334 -14.78 8.42 -8.62
CA ILE B 334 -13.83 8.49 -9.72
C ILE B 334 -13.28 7.10 -9.96
N VAL B 335 -13.49 6.58 -11.17
CA VAL B 335 -13.14 5.19 -11.47
C VAL B 335 -12.13 5.07 -12.59
N GLY B 336 -11.09 4.28 -12.35
CA GLY B 336 -10.07 4.04 -13.36
C GLY B 336 -9.47 2.65 -13.31
N ARG B 337 -9.08 2.13 -14.46
CA ARG B 337 -8.37 0.86 -14.54
C ARG B 337 -7.08 1.03 -15.33
N ASP B 338 -5.94 0.90 -14.66
CA ASP B 338 -4.66 1.09 -15.31
C ASP B 338 -3.64 0.05 -14.86
N ARG B 339 -2.68 -0.24 -15.72
CA ARG B 339 -1.54 -1.06 -15.35
C ARG B 339 -0.66 -0.25 -14.41
N LEU B 340 -0.12 -0.88 -13.38
CA LEU B 340 0.79 -0.18 -12.49
C LEU B 340 2.09 0.10 -13.22
N ASP B 341 2.18 1.29 -13.80
CA ASP B 341 3.23 1.63 -14.75
C ASP B 341 3.70 3.06 -14.58
N LYS B 342 4.84 3.39 -15.17
CA LYS B 342 5.30 4.77 -15.22
C LYS B 342 4.51 5.56 -16.24
N VAL B 343 4.09 4.88 -17.31
CA VAL B 343 3.44 5.54 -18.43
C VAL B 343 1.95 5.76 -18.24
N ARG B 344 1.29 4.86 -17.52
CA ARG B 344 -0.16 4.93 -17.35
C ARG B 344 -0.55 6.02 -16.34
N GLY B 345 0.45 6.60 -15.68
CA GLY B 345 0.25 7.79 -14.87
C GLY B 345 -0.65 7.66 -13.65
N VAL B 346 -0.54 6.55 -12.93
CA VAL B 346 -1.31 6.35 -11.72
C VAL B 346 -0.81 7.27 -10.61
N ILE B 347 0.51 7.41 -10.53
CA ILE B 347 1.14 8.30 -9.56
C ILE B 347 0.67 9.75 -9.72
N GLN B 348 0.65 10.20 -10.97
CA GLN B 348 0.19 11.56 -11.29
C GLN B 348 -1.28 11.74 -10.91
N LYS B 349 -2.07 10.69 -11.13
CA LYS B 349 -3.48 10.71 -10.77
C LYS B 349 -3.65 10.88 -9.27
N LEU B 350 -2.88 10.10 -8.50
CA LEU B 350 -2.96 10.15 -7.05
C LEU B 350 -2.47 11.48 -6.48
N GLU B 351 -1.44 12.04 -7.09
CA GLU B 351 -0.94 13.35 -6.68
C GLU B 351 -1.99 14.42 -6.96
N GLY B 352 -2.59 14.36 -8.13
CA GLY B 352 -3.66 15.28 -8.49
C GLY B 352 -4.84 15.19 -7.55
N PHE B 353 -5.23 13.97 -7.20
CA PHE B 353 -6.35 13.75 -6.29
C PHE B 353 -6.03 14.25 -4.89
N GLU B 354 -4.78 14.07 -4.48
CA GLU B 354 -4.33 14.55 -3.17
C GLU B 354 -4.40 16.07 -3.10
N ILE B 355 -3.83 16.74 -4.11
CA ILE B 355 -3.91 18.19 -4.21
C ILE B 355 -5.36 18.65 -4.21
N PHE B 356 -6.20 17.89 -4.91
CA PHE B 356 -7.63 18.16 -4.98
C PHE B 356 -8.30 18.13 -3.61
N LEU B 357 -7.95 17.12 -2.81
CA LEU B 357 -8.50 17.02 -1.46
C LEU B 357 -7.96 18.14 -0.58
N ASP B 358 -6.71 18.55 -0.83
CA ASP B 358 -6.12 19.67 -0.10
C ASP B 358 -6.85 20.98 -0.37
N MET B 359 -7.13 21.24 -1.64
CA MET B 359 -7.64 22.54 -2.07
C MET B 359 -9.13 22.73 -1.80
N TYR B 360 -9.90 21.65 -1.88
CA TYR B 360 -11.35 21.75 -1.76
C TYR B 360 -11.89 20.98 -0.56
N PRO B 361 -12.08 21.67 0.57
CA PRO B 361 -12.64 21.10 1.80
C PRO B 361 -14.07 20.60 1.61
N GLU B 362 -14.77 21.13 0.62
CA GLU B 362 -16.15 20.72 0.34
C GLU B 362 -16.22 19.26 -0.14
N TRP B 363 -15.13 18.78 -0.74
CA TRP B 363 -15.13 17.47 -1.38
C TRP B 363 -14.42 16.39 -0.56
N ARG B 364 -13.83 16.76 0.57
CA ARG B 364 -12.98 15.83 1.32
C ARG B 364 -13.73 14.63 1.88
N GLU B 365 -15.02 14.79 2.13
CA GLU B 365 -15.81 13.74 2.77
C GLU B 365 -16.72 13.00 1.79
N THR B 366 -16.83 13.51 0.56
CA THR B 366 -17.82 12.97 -0.38
C THR B 366 -17.23 12.36 -1.64
N VAL B 367 -15.92 12.47 -1.85
CA VAL B 367 -15.31 11.95 -3.06
C VAL B 367 -14.46 10.71 -2.81
N VAL B 368 -14.76 9.65 -3.54
CA VAL B 368 -13.99 8.41 -3.45
C VAL B 368 -13.39 8.02 -4.79
N LEU B 369 -12.07 7.85 -4.82
CA LEU B 369 -11.39 7.37 -6.01
C LEU B 369 -11.22 5.86 -5.96
N ILE B 370 -11.68 5.17 -7.00
CA ILE B 370 -11.52 3.73 -7.10
C ILE B 370 -10.59 3.36 -8.24
N GLN B 371 -9.45 2.75 -7.90
CA GLN B 371 -8.46 2.35 -8.89
C GLN B 371 -8.25 0.85 -8.89
N VAL B 372 -8.50 0.21 -10.03
CA VAL B 372 -8.20 -1.20 -10.20
C VAL B 372 -6.94 -1.35 -11.07
N SER B 373 -5.97 -2.10 -10.59
CA SER B 373 -4.66 -2.16 -11.22
C SER B 373 -4.24 -3.55 -11.69
N SER B 374 -3.40 -3.58 -12.72
CA SER B 374 -2.81 -4.80 -13.23
C SER B 374 -1.29 -4.72 -13.05
N PRO B 375 -0.62 -5.85 -12.82
CA PRO B 375 0.82 -5.82 -12.55
C PRO B 375 1.68 -5.52 -13.77
N GLY B 376 2.76 -4.74 -13.59
CA GLY B 376 3.61 -4.33 -14.69
C GLY B 376 4.98 -5.00 -14.68
N TYR B 377 5.50 -5.24 -15.89
CA TYR B 377 6.76 -5.99 -16.08
C TYR B 377 8.02 -5.29 -15.61
N SER B 378 8.23 -4.10 -16.16
CA SER B 378 9.54 -3.50 -16.35
C SER B 378 10.25 -3.03 -15.07
N HIS B 379 10.33 -3.93 -14.10
CA HIS B 379 10.83 -3.59 -12.78
C HIS B 379 10.11 -2.35 -12.29
N SER B 380 8.79 -2.40 -12.43
CA SER B 380 7.91 -1.28 -12.13
C SER B 380 7.62 -1.24 -10.66
N ALA B 381 8.31 -2.08 -9.90
CA ALA B 381 8.07 -2.28 -8.49
C ALA B 381 8.25 -0.97 -7.74
N ASN B 382 9.22 -0.17 -8.13
CA ASN B 382 9.31 1.15 -7.55
C ASN B 382 7.98 1.88 -7.67
N VAL B 383 7.41 1.88 -8.88
CA VAL B 383 6.10 2.46 -9.12
C VAL B 383 5.07 2.02 -8.09
N GLU B 384 4.92 0.70 -7.91
CA GLU B 384 3.96 0.16 -6.96
C GLU B 384 4.24 0.62 -5.52
N THR B 385 5.52 0.73 -5.17
CA THR B 385 5.94 1.30 -3.88
C THR B 385 5.58 2.78 -3.74
N ARG B 386 5.67 3.54 -4.83
CA ARG B 386 5.36 4.97 -4.80
C ARG B 386 3.85 5.23 -4.75
N VAL B 387 3.13 4.72 -5.76
CA VAL B 387 1.66 4.74 -5.75
C VAL B 387 1.09 4.45 -4.37
N THR B 388 1.46 3.29 -3.85
CA THR B 388 0.94 2.86 -2.56
C THR B 388 1.30 3.86 -1.46
N GLU B 389 2.57 4.28 -1.46
CA GLU B 389 3.06 5.31 -0.53
C GLU B 389 2.14 6.53 -0.51
N ILE B 390 1.62 6.90 -1.68
CA ILE B 390 0.72 8.03 -1.77
C ILE B 390 -0.68 7.68 -1.26
N ILE B 391 -1.15 6.48 -1.62
CA ILE B 391 -2.46 6.02 -1.16
C ILE B 391 -2.54 6.03 0.38
N SER B 392 -1.60 5.35 1.01
CA SER B 392 -1.44 5.42 2.47
C SER B 392 -1.47 6.86 2.99
N ARG B 393 -0.80 7.77 2.29
CA ARG B 393 -0.73 9.17 2.73
C ARG B 393 -2.09 9.86 2.62
N ILE B 394 -2.84 9.53 1.58
CA ILE B 394 -4.15 10.14 1.38
C ILE B 394 -5.16 9.57 2.39
N ASN B 395 -5.30 8.25 2.41
CA ASN B 395 -6.20 7.60 3.36
C ASN B 395 -5.92 7.94 4.83
N SER B 396 -4.65 8.12 5.16
CA SER B 396 -4.27 8.55 6.51
C SER B 396 -4.77 9.97 6.80
N LYS B 397 -4.63 10.84 5.81
CA LYS B 397 -4.93 12.26 6.02
C LYS B 397 -6.42 12.58 5.98
N TYR B 398 -7.16 11.93 5.07
CA TYR B 398 -8.55 12.31 4.85
C TYR B 398 -9.54 11.19 5.14
N GLY B 399 -9.01 10.02 5.47
CA GLY B 399 -9.85 8.86 5.71
C GLY B 399 -10.34 8.73 7.13
N ASN B 400 -11.38 7.93 7.30
CA ASN B 400 -11.77 7.45 8.62
C ASN B 400 -12.35 6.06 8.48
N LEU B 401 -13.04 5.61 9.52
CA LEU B 401 -13.54 4.24 9.56
C LEU B 401 -14.74 4.05 8.62
N ASN B 402 -15.48 5.13 8.39
CA ASN B 402 -16.64 5.10 7.50
C ASN B 402 -16.33 5.63 6.11
N HIS B 403 -15.24 6.39 5.99
CA HIS B 403 -14.85 6.96 4.71
C HIS B 403 -13.41 6.65 4.32
N THR B 404 -13.24 6.04 3.15
CA THR B 404 -11.92 5.79 2.59
C THR B 404 -11.81 6.44 1.22
N PRO B 405 -11.03 7.53 1.14
CA PRO B 405 -10.88 8.36 -0.07
C PRO B 405 -10.40 7.60 -1.29
N VAL B 406 -9.40 6.73 -1.12
CA VAL B 406 -8.87 5.96 -2.25
C VAL B 406 -9.04 4.46 -2.03
N LEU B 407 -9.73 3.82 -2.97
CA LEU B 407 -9.88 2.36 -2.95
C LEU B 407 -9.03 1.74 -4.05
N HIS B 408 -8.08 0.90 -3.65
CA HIS B 408 -7.16 0.29 -4.59
C HIS B 408 -7.37 -1.21 -4.72
N TYR B 409 -7.71 -1.67 -5.92
CA TYR B 409 -7.90 -3.09 -6.17
C TYR B 409 -6.86 -3.59 -7.17
N GLN B 410 -5.98 -4.48 -6.72
CA GLN B 410 -4.92 -4.99 -7.59
C GLN B 410 -5.34 -6.36 -8.11
N MET B 411 -6.51 -6.78 -7.65
CA MET B 411 -7.16 -7.99 -8.09
C MET B 411 -7.57 -7.90 -9.55
N ARG B 412 -7.96 -9.03 -10.10
CA ARG B 412 -8.61 -9.06 -11.41
C ARG B 412 -10.12 -9.11 -11.17
N VAL B 413 -10.86 -8.20 -11.81
CA VAL B 413 -12.30 -8.08 -11.56
C VAL B 413 -13.09 -8.70 -12.70
N ALA B 414 -14.36 -9.01 -12.49
CA ALA B 414 -15.13 -9.58 -13.59
C ALA B 414 -15.50 -8.49 -14.60
N LYS B 415 -15.74 -8.92 -15.83
CA LYS B 415 -16.15 -8.02 -16.92
C LYS B 415 -17.33 -7.14 -16.55
N GLU B 416 -18.37 -7.77 -15.99
CA GLU B 416 -19.59 -7.09 -15.59
C GLU B 416 -19.32 -6.11 -14.45
N GLU B 417 -18.40 -6.48 -13.56
CA GLU B 417 -18.01 -5.61 -12.45
C GLU B 417 -17.29 -4.38 -12.97
N TYR B 418 -16.47 -4.58 -14.00
CA TYR B 418 -15.74 -3.50 -14.64
C TYR B 418 -16.69 -2.53 -15.32
N LEU B 419 -17.60 -3.06 -16.13
CA LEU B 419 -18.60 -2.23 -16.80
C LEU B 419 -19.48 -1.50 -15.80
N ALA B 420 -19.81 -2.17 -14.71
CA ALA B 420 -20.59 -1.56 -13.64
C ALA B 420 -19.84 -0.38 -13.04
N LEU B 421 -18.57 -0.60 -12.71
CA LEU B 421 -17.73 0.46 -12.16
C LEU B 421 -17.63 1.65 -13.11
N LEU B 422 -17.53 1.37 -14.41
CA LEU B 422 -17.49 2.44 -15.40
C LEU B 422 -18.81 3.20 -15.45
N ARG B 423 -19.92 2.49 -15.27
CA ARG B 423 -21.24 3.10 -15.35
C ARG B 423 -21.58 3.96 -14.14
N VAL B 424 -21.32 3.46 -12.95
CA VAL B 424 -21.66 4.17 -11.71
C VAL B 424 -20.74 5.38 -11.50
N ALA B 425 -19.62 5.39 -12.22
CA ALA B 425 -18.63 6.46 -12.10
C ALA B 425 -19.21 7.84 -12.34
N ASP B 426 -18.89 8.78 -11.46
CA ASP B 426 -19.29 10.17 -11.65
C ASP B 426 -18.21 10.93 -12.42
N LEU B 427 -17.07 10.28 -12.61
CA LEU B 427 -15.94 10.89 -13.30
C LEU B 427 -14.94 9.83 -13.73
N ALA B 428 -14.39 9.97 -14.93
CA ALA B 428 -13.26 9.13 -15.33
C ALA B 428 -12.01 9.99 -15.42
N LEU B 429 -10.91 9.49 -14.88
CA LEU B 429 -9.67 10.27 -14.89
C LEU B 429 -8.53 9.47 -15.53
N ILE B 430 -8.09 9.92 -16.71
CA ILE B 430 -7.00 9.29 -17.43
C ILE B 430 -5.77 10.20 -17.43
N THR B 431 -4.68 9.72 -16.82
CA THR B 431 -3.49 10.55 -16.61
C THR B 431 -2.23 9.96 -17.24
N SER B 432 -2.41 9.18 -18.31
CA SER B 432 -1.29 8.50 -18.96
C SER B 432 -0.19 9.46 -19.42
N VAL B 433 1.05 9.12 -19.09
CA VAL B 433 2.22 9.90 -19.47
C VAL B 433 2.54 9.68 -20.95
N ARG B 434 2.39 8.44 -21.41
CA ARG B 434 2.65 8.11 -22.82
C ARG B 434 2.11 6.73 -23.16
N ASP B 435 1.17 6.68 -24.10
CA ASP B 435 0.67 5.40 -24.60
C ASP B 435 0.22 5.51 -26.05
N GLY B 436 -0.01 4.36 -26.68
CA GLY B 436 -0.52 4.33 -28.03
C GLY B 436 -1.98 4.70 -28.07
N MET B 437 -2.77 4.05 -27.21
CA MET B 437 -4.20 4.29 -27.15
C MET B 437 -4.77 3.83 -25.80
N ASN B 438 -5.70 4.61 -25.26
CA ASN B 438 -6.35 4.26 -24.00
C ASN B 438 -7.76 3.73 -24.21
N THR B 439 -7.90 2.41 -24.12
CA THR B 439 -9.16 1.73 -24.37
C THR B 439 -10.21 2.08 -23.30
N THR B 440 -9.75 2.19 -22.06
CA THR B 440 -10.61 2.43 -20.91
C THR B 440 -11.45 3.69 -21.06
N SER B 441 -10.88 4.73 -21.65
CA SER B 441 -11.60 5.98 -21.86
C SER B 441 -12.76 5.81 -22.83
N LEU B 442 -12.50 5.08 -23.92
CA LEU B 442 -13.53 4.79 -24.91
C LEU B 442 -14.66 3.95 -24.30
N GLU B 443 -14.27 2.89 -23.59
CA GLU B 443 -15.25 2.05 -22.89
C GLU B 443 -16.09 2.87 -21.91
N PHE B 444 -15.44 3.79 -21.22
CA PHE B 444 -16.14 4.68 -20.29
C PHE B 444 -17.14 5.55 -21.02
N VAL B 445 -16.73 6.11 -22.16
CA VAL B 445 -17.60 6.95 -22.96
C VAL B 445 -18.85 6.19 -23.40
N ILE B 446 -18.66 4.95 -23.83
CA ILE B 446 -19.81 4.13 -24.21
C ILE B 446 -20.70 3.82 -23.00
N CYS B 447 -20.08 3.54 -21.86
CA CYS B 447 -20.82 3.20 -20.64
C CYS B 447 -21.55 4.41 -20.06
N GLN B 448 -21.20 5.62 -20.50
CA GLN B 448 -21.83 6.83 -19.99
C GLN B 448 -22.81 7.42 -20.98
N LYS B 449 -23.21 6.61 -21.96
CA LYS B 449 -24.14 7.01 -23.01
C LYS B 449 -25.39 7.71 -22.47
N TYR B 450 -25.91 7.19 -21.36
CA TYR B 450 -27.14 7.72 -20.79
C TYR B 450 -26.87 8.56 -19.55
N ASN B 451 -25.87 8.17 -18.76
CA ASN B 451 -25.59 8.83 -17.49
C ASN B 451 -24.78 10.11 -17.64
N ASN B 452 -24.03 10.20 -18.73
CA ASN B 452 -23.29 11.42 -19.11
C ASN B 452 -22.22 11.89 -18.10
N SER B 453 -21.52 10.96 -17.46
CA SER B 453 -20.44 11.34 -16.56
C SER B 453 -19.21 11.78 -17.33
N PRO B 454 -18.56 12.87 -16.87
CA PRO B 454 -17.43 13.49 -17.58
C PRO B 454 -16.15 12.64 -17.60
N LEU B 455 -15.41 12.82 -18.68
CA LEU B 455 -14.11 12.19 -18.86
C LEU B 455 -13.00 13.23 -18.92
N ILE B 456 -11.99 13.03 -18.08
CA ILE B 456 -10.79 13.85 -18.09
C ILE B 456 -9.66 13.08 -18.76
N LEU B 457 -9.09 13.67 -19.81
CA LEU B 457 -8.15 13.00 -20.67
C LEU B 457 -6.78 13.65 -20.61
N SER B 458 -5.74 12.83 -20.45
CA SER B 458 -4.38 13.34 -20.52
C SER B 458 -4.09 13.75 -21.96
N GLU B 459 -3.42 14.89 -22.12
CA GLU B 459 -3.10 15.38 -23.45
C GLU B 459 -2.01 14.53 -24.10
N PHE B 460 -1.34 13.72 -23.30
CA PHE B 460 -0.25 12.88 -23.78
C PHE B 460 -0.75 11.49 -24.18
N THR B 461 -2.03 11.23 -23.91
CA THR B 461 -2.63 9.97 -24.29
C THR B 461 -2.95 9.98 -25.78
N GLY B 462 -2.80 8.83 -26.43
CA GLY B 462 -3.08 8.70 -27.85
C GLY B 462 -4.53 9.03 -28.18
N THR B 463 -5.44 8.63 -27.29
CA THR B 463 -6.86 8.85 -27.53
C THR B 463 -7.23 10.32 -27.51
N ALA B 464 -6.35 11.15 -26.95
CA ALA B 464 -6.55 12.60 -26.96
C ALA B 464 -6.45 13.13 -28.38
N THR B 465 -5.71 12.42 -29.23
CA THR B 465 -5.67 12.73 -30.66
C THR B 465 -7.02 12.39 -31.26
N VAL B 466 -7.65 11.33 -30.74
CA VAL B 466 -8.93 10.89 -31.26
C VAL B 466 -10.08 11.67 -30.62
N LEU B 467 -10.16 11.63 -29.30
CA LEU B 467 -11.23 12.33 -28.58
C LEU B 467 -10.87 13.78 -28.29
N LYS B 468 -10.83 14.60 -29.34
CA LYS B 468 -10.36 15.98 -29.24
C LYS B 468 -11.26 16.89 -28.39
N ASP B 469 -12.55 16.58 -28.35
CA ASP B 469 -13.51 17.44 -27.66
C ASP B 469 -13.53 17.20 -26.15
N ALA B 470 -12.80 16.19 -25.69
CA ALA B 470 -12.80 15.85 -24.27
C ALA B 470 -12.08 16.90 -23.43
N ILE B 471 -12.41 16.95 -22.15
CA ILE B 471 -11.69 17.79 -21.20
C ILE B 471 -10.25 17.28 -21.11
N MET B 472 -9.28 18.18 -21.12
CA MET B 472 -7.89 17.79 -21.18
C MET B 472 -7.07 18.28 -19.99
N VAL B 473 -6.06 17.50 -19.62
CA VAL B 473 -5.12 17.90 -18.56
C VAL B 473 -3.68 17.59 -18.90
N ASN B 474 -2.78 18.32 -18.23
CA ASN B 474 -1.39 17.90 -18.14
C ASN B 474 -1.23 17.15 -16.82
N PRO B 475 -1.06 15.82 -16.90
CA PRO B 475 -1.00 14.96 -15.71
C PRO B 475 0.15 15.33 -14.77
N TRP B 476 1.19 15.95 -15.32
CA TRP B 476 2.33 16.38 -14.51
C TRP B 476 1.95 17.54 -13.62
N ASP B 477 0.98 18.34 -14.06
CA ASP B 477 0.51 19.48 -13.29
C ASP B 477 -0.59 19.06 -12.33
N SER B 478 -0.20 18.77 -11.09
CA SER B 478 -1.12 18.25 -10.08
C SER B 478 -2.20 19.26 -9.70
N VAL B 479 -1.81 20.54 -9.61
CA VAL B 479 -2.75 21.60 -9.28
C VAL B 479 -3.81 21.74 -10.38
N GLY B 480 -3.35 21.68 -11.62
CA GLY B 480 -4.24 21.74 -12.76
C GLY B 480 -5.18 20.56 -12.83
N VAL B 481 -4.66 19.38 -12.49
CA VAL B 481 -5.48 18.17 -12.44
C VAL B 481 -6.55 18.32 -11.37
N ALA B 482 -6.17 18.84 -10.22
CA ALA B 482 -7.12 19.08 -9.12
C ALA B 482 -8.23 20.03 -9.54
N LYS B 483 -7.84 21.20 -10.03
CA LYS B 483 -8.79 22.20 -10.53
C LYS B 483 -9.71 21.62 -11.60
N THR B 484 -9.17 20.77 -12.46
CA THR B 484 -9.94 20.15 -13.52
C THR B 484 -10.95 19.15 -12.96
N ILE B 485 -10.54 18.44 -11.92
CA ILE B 485 -11.44 17.51 -11.23
C ILE B 485 -12.62 18.28 -10.66
N ASN B 486 -12.31 19.36 -9.95
CA ASN B 486 -13.37 20.21 -9.38
C ASN B 486 -14.28 20.78 -10.45
N ASP B 487 -13.71 21.24 -11.57
CA ASP B 487 -14.48 21.82 -12.66
C ASP B 487 -15.41 20.80 -13.31
N ALA B 488 -14.88 19.60 -13.55
CA ALA B 488 -15.64 18.54 -14.18
C ALA B 488 -16.77 18.08 -13.27
N LEU B 489 -16.52 18.06 -11.96
CA LEU B 489 -17.56 17.68 -11.01
C LEU B 489 -18.65 18.74 -10.90
N MET B 490 -18.30 19.98 -11.20
CA MET B 490 -19.24 21.09 -11.05
C MET B 490 -19.93 21.47 -12.37
N LEU B 491 -19.80 20.62 -13.37
CA LEU B 491 -20.42 20.87 -14.67
C LEU B 491 -21.94 20.96 -14.59
N SER B 492 -22.53 21.85 -15.36
CA SER B 492 -23.98 21.91 -15.50
C SER B 492 -24.43 20.70 -16.32
N THR B 493 -25.72 20.38 -16.23
CA THR B 493 -26.27 19.21 -16.92
C THR B 493 -26.02 19.27 -18.42
N LYS B 494 -26.39 20.39 -19.02
CA LYS B 494 -26.23 20.62 -20.46
C LYS B 494 -24.79 20.40 -20.93
N GLU B 495 -23.82 20.91 -20.17
CA GLU B 495 -22.40 20.74 -20.49
C GLU B 495 -22.03 19.25 -20.51
N LYS B 496 -22.44 18.54 -19.46
CA LYS B 496 -22.20 17.11 -19.34
C LYS B 496 -22.73 16.33 -20.54
N VAL B 497 -24.03 16.46 -20.80
CA VAL B 497 -24.66 15.68 -21.86
C VAL B 497 -24.17 16.08 -23.26
N SER B 498 -23.86 17.36 -23.44
CA SER B 498 -23.28 17.81 -24.72
C SER B 498 -21.92 17.13 -24.95
N LEU B 499 -21.06 17.24 -23.95
CA LEU B 499 -19.74 16.60 -23.99
C LEU B 499 -19.87 15.10 -24.31
N GLU B 500 -20.69 14.42 -23.53
CA GLU B 500 -20.87 12.98 -23.69
C GLU B 500 -21.46 12.61 -25.05
N SER B 501 -22.33 13.46 -25.58
CA SER B 501 -22.92 13.21 -26.89
C SER B 501 -21.85 13.27 -27.98
N LYS B 502 -21.06 14.35 -27.94
CA LYS B 502 -19.98 14.50 -28.91
C LYS B 502 -18.97 13.35 -28.84
N LEU B 503 -18.55 13.03 -27.62
CA LEU B 503 -17.58 11.94 -27.43
C LEU B 503 -18.13 10.59 -27.85
N TYR B 504 -19.42 10.36 -27.58
CA TYR B 504 -20.07 9.11 -27.94
C TYR B 504 -20.14 8.94 -29.46
N GLU B 505 -20.57 10.01 -30.13
CA GLU B 505 -20.61 10.05 -31.59
C GLU B 505 -19.24 9.78 -32.19
N LYS B 506 -18.22 10.43 -31.62
CA LYS B 506 -16.86 10.29 -32.12
C LYS B 506 -16.31 8.88 -31.92
N VAL B 507 -16.63 8.28 -30.77
CA VAL B 507 -16.21 6.91 -30.48
C VAL B 507 -16.88 5.95 -31.45
N LEU B 508 -18.18 6.15 -31.69
CA LEU B 508 -18.90 5.28 -32.61
C LEU B 508 -18.48 5.51 -34.06
N SER B 509 -17.84 6.64 -34.33
CA SER B 509 -17.31 6.90 -35.67
C SER B 509 -16.28 5.87 -36.09
N ASN B 510 -15.52 5.34 -35.14
CA ASN B 510 -14.50 4.35 -35.44
C ASN B 510 -14.64 3.08 -34.61
N THR B 511 -15.22 2.05 -35.22
CA THR B 511 -15.38 0.77 -34.55
C THR B 511 -14.19 -0.14 -34.87
N VAL B 512 -14.02 -1.20 -34.08
CA VAL B 512 -12.92 -2.12 -34.30
C VAL B 512 -13.12 -2.91 -35.60
N GLN B 513 -14.37 -3.13 -35.96
CA GLN B 513 -14.71 -3.80 -37.22
C GLN B 513 -14.35 -2.88 -38.39
N ASN B 514 -14.74 -1.63 -38.26
CA ASN B 514 -14.42 -0.61 -39.27
C ASN B 514 -12.91 -0.40 -39.38
N TRP B 515 -12.22 -0.47 -38.25
CA TRP B 515 -10.77 -0.30 -38.21
C TRP B 515 -10.07 -1.47 -38.92
N THR B 516 -10.52 -2.68 -38.61
CA THR B 516 -9.97 -3.89 -39.23
C THR B 516 -10.17 -3.87 -40.74
N SER B 517 -11.43 -3.68 -41.15
CA SER B 517 -11.79 -3.60 -42.56
C SER B 517 -10.99 -2.53 -43.28
N THR B 518 -10.92 -1.35 -42.67
CA THR B 518 -10.22 -0.21 -43.25
C THR B 518 -8.74 -0.51 -43.42
N PHE B 519 -8.13 -1.17 -42.45
CA PHE B 519 -6.69 -1.44 -42.54
C PHE B 519 -6.39 -2.49 -43.59
N ILE B 520 -7.24 -3.51 -43.69
CA ILE B 520 -7.06 -4.50 -44.75
C ILE B 520 -7.20 -3.83 -46.12
N CYS B 521 -8.22 -2.99 -46.26
CA CYS B 521 -8.43 -2.23 -47.49
C CYS B 521 -7.24 -1.32 -47.80
N ASP B 522 -6.57 -0.84 -46.75
CA ASP B 522 -5.43 0.06 -46.91
C ASP B 522 -4.18 -0.71 -47.34
N ILE B 523 -4.03 -1.91 -46.81
CA ILE B 523 -2.96 -2.81 -47.23
C ILE B 523 -3.13 -3.13 -48.71
N LEU B 524 -4.36 -3.47 -49.09
CA LEU B 524 -4.64 -3.87 -50.46
C LEU B 524 -4.60 -2.70 -51.44
N SER B 525 -4.88 -1.49 -50.96
CA SER B 525 -4.91 -0.32 -51.83
C SER B 525 -3.51 0.25 -52.00
N HIS B 526 -2.57 -0.17 -51.16
CA HIS B 526 -1.16 0.05 -51.42
C HIS B 526 -0.45 -1.29 -51.46
N SER B 527 -0.79 -2.08 -52.47
CA SER B 527 -0.09 -3.33 -52.74
C SER B 527 0.16 -3.42 -54.24
N ILE B 528 0.79 -2.35 -54.76
CA ILE B 528 1.05 -2.15 -56.20
C ILE B 528 -0.05 -2.71 -57.10
#